data_5NCS
#
_entry.id   5NCS
#
_cell.length_a   78.490
_cell.length_b   78.490
_cell.length_c   351.710
_cell.angle_alpha   90.00
_cell.angle_beta   90.00
_cell.angle_gamma   90.00
#
_symmetry.space_group_name_H-M   'P 41 21 2'
#
loop_
_entity.id
_entity.type
_entity.pdbx_description
1 polymer Serpin
2 water water
#
_entity_poly.entity_id   1
_entity_poly.type   'polypeptide(L)'
_entity_poly.pdbx_seq_one_letter_code
;GPLGSEKIEKDNAFAFDLLQTTRKHVTEANVFISPLSVSMALNMTLNGAAGVTADEMKTALRETGYTMEDINEYSHSLRE
ALLKVDPSTTIGMANSIWYKQGELVKEPFILANRTHYDAEVKAVDFSSPATLPAINGWCAQKTNDKITKILDYIPGNAFM
YLINAVYFKGIWVTQFKKSDTKRAPFRKADGTTQEVNMMAQKSTFGYTTDECCQYLEMDYGNKAFSMIVMLPNEGQTTRD
VIEQLDNKHWSMIIKGIRPTQVSLRMPRFKTECKYGLEKKILPEMGMNVPFTETADFPGITDAAIFISRVIHKTFVQVDE
EGTEAAAVTAVEMVKTSSPSTTPINFHINKPFVFAIREKSTGVILFIGEIGEVKE
;
_entity_poly.pdbx_strand_id   A,B
#
# COMPACT_ATOMS: atom_id res chain seq x y z
N PRO A 2 -4.07 -32.82 9.70
CA PRO A 2 -3.18 -31.68 10.00
C PRO A 2 -3.80 -30.34 9.60
N LEU A 3 -3.84 -29.43 10.58
CA LEU A 3 -4.39 -28.07 10.48
C LEU A 3 -3.25 -27.13 10.02
N GLY A 4 -3.33 -26.71 8.76
CA GLY A 4 -2.41 -25.81 8.09
C GLY A 4 -3.09 -24.54 7.60
N SER A 5 -2.50 -23.89 6.57
CA SER A 5 -3.05 -22.64 6.00
C SER A 5 -4.42 -22.82 5.33
N GLU A 6 -4.75 -24.08 4.92
CA GLU A 6 -6.04 -24.39 4.28
C GLU A 6 -7.21 -24.04 5.17
N LYS A 7 -6.99 -23.94 6.50
CA LYS A 7 -7.99 -23.54 7.46
C LYS A 7 -8.48 -22.10 7.19
N ILE A 8 -7.60 -21.18 6.77
CA ILE A 8 -8.07 -19.81 6.44
C ILE A 8 -9.06 -19.87 5.25
N GLU A 9 -8.73 -20.67 4.21
CA GLU A 9 -9.56 -20.85 3.03
C GLU A 9 -10.89 -21.45 3.41
N LYS A 10 -10.87 -22.43 4.33
CA LYS A 10 -12.06 -23.14 4.79
C LYS A 10 -13.00 -22.24 5.60
N ASP A 11 -12.44 -21.45 6.51
CA ASP A 11 -13.21 -20.51 7.32
C ASP A 11 -13.79 -19.39 6.46
N ASN A 12 -13.05 -18.96 5.43
CA ASN A 12 -13.53 -17.96 4.47
C ASN A 12 -14.64 -18.58 3.60
N ALA A 13 -14.50 -19.87 3.25
CA ALA A 13 -15.48 -20.61 2.48
C ALA A 13 -16.79 -20.69 3.30
N PHE A 14 -16.65 -20.88 4.63
CA PHE A 14 -17.78 -20.88 5.55
C PHE A 14 -18.39 -19.45 5.58
N ALA A 15 -17.53 -18.40 5.65
CA ALA A 15 -17.96 -17.01 5.67
C ALA A 15 -18.96 -16.66 4.57
N PHE A 16 -18.63 -17.01 3.32
CA PHE A 16 -19.47 -16.72 2.18
C PHE A 16 -20.77 -17.53 2.22
N ASP A 17 -20.67 -18.82 2.56
CA ASP A 17 -21.82 -19.70 2.71
C ASP A 17 -22.78 -19.18 3.78
N LEU A 18 -22.28 -18.73 4.94
CA LEU A 18 -23.10 -18.18 6.02
C LEU A 18 -23.80 -16.90 5.57
N LEU A 19 -23.05 -15.97 4.92
CA LEU A 19 -23.62 -14.74 4.38
C LEU A 19 -24.78 -15.01 3.41
N GLN A 20 -24.58 -15.97 2.49
CA GLN A 20 -25.56 -16.34 1.49
C GLN A 20 -26.80 -16.94 2.14
N THR A 21 -26.60 -17.87 3.12
CA THR A 21 -27.68 -18.57 3.83
C THR A 21 -28.48 -17.59 4.72
N THR A 22 -27.78 -16.66 5.39
CA THR A 22 -28.38 -15.66 6.26
C THR A 22 -29.30 -14.73 5.46
N ARG A 23 -28.83 -14.24 4.30
CA ARG A 23 -29.61 -13.35 3.44
C ARG A 23 -30.86 -14.05 2.90
N LYS A 24 -30.72 -15.33 2.58
CA LYS A 24 -31.82 -16.15 2.05
C LYS A 24 -32.97 -16.17 3.04
N HIS A 25 -32.67 -16.20 4.35
CA HIS A 25 -33.65 -16.34 5.43
C HIS A 25 -33.93 -15.09 6.28
N VAL A 26 -33.48 -13.90 5.84
CA VAL A 26 -33.64 -12.66 6.60
C VAL A 26 -34.21 -11.58 5.68
N THR A 27 -35.20 -10.82 6.17
CA THR A 27 -35.88 -9.76 5.40
C THR A 27 -35.29 -8.34 5.55
N GLU A 28 -34.59 -8.11 6.68
CA GLU A 28 -33.96 -6.85 7.11
C GLU A 28 -33.12 -6.21 6.02
N ALA A 29 -33.09 -4.86 5.97
CA ALA A 29 -32.30 -4.12 4.96
C ALA A 29 -30.80 -4.33 5.15
N ASN A 30 -30.36 -4.38 6.43
CA ASN A 30 -28.96 -4.57 6.76
C ASN A 30 -28.66 -5.94 7.26
N VAL A 31 -27.48 -6.43 6.88
CA VAL A 31 -26.95 -7.75 7.29
C VAL A 31 -25.52 -7.53 7.81
N PHE A 32 -25.22 -8.05 8.98
CA PHE A 32 -23.90 -7.93 9.55
C PHE A 32 -23.61 -9.15 10.41
N ILE A 33 -22.69 -10.01 9.96
CA ILE A 33 -22.33 -11.24 10.64
C ILE A 33 -20.83 -11.40 10.82
N SER A 34 -20.42 -12.12 11.84
CA SER A 34 -19.02 -12.51 12.03
C SER A 34 -18.96 -14.05 11.91
N PRO A 35 -18.84 -14.60 10.68
CA PRO A 35 -18.81 -16.06 10.53
C PRO A 35 -17.67 -16.72 11.28
N LEU A 36 -16.51 -16.03 11.41
CA LEU A 36 -15.37 -16.55 12.17
C LEU A 36 -15.75 -16.76 13.62
N SER A 37 -16.39 -15.77 14.26
CA SER A 37 -16.85 -15.85 15.65
C SER A 37 -17.86 -16.97 15.85
N VAL A 38 -18.77 -17.15 14.88
CA VAL A 38 -19.81 -18.17 14.88
C VAL A 38 -19.13 -19.53 14.83
N SER A 39 -18.11 -19.68 13.95
CA SER A 39 -17.33 -20.92 13.76
C SER A 39 -16.71 -21.33 15.10
N MET A 40 -16.07 -20.36 15.75
CA MET A 40 -15.41 -20.49 17.05
C MET A 40 -16.41 -20.82 18.17
N ALA A 41 -17.61 -20.21 18.15
CA ALA A 41 -18.69 -20.43 19.12
C ALA A 41 -19.22 -21.87 18.99
N LEU A 42 -19.43 -22.35 17.74
CA LEU A 42 -19.90 -23.71 17.51
C LEU A 42 -18.80 -24.72 17.85
N ASN A 43 -17.51 -24.30 17.76
CA ASN A 43 -16.34 -25.12 18.13
C ASN A 43 -16.33 -25.42 19.61
N MET A 44 -16.89 -24.49 20.41
CA MET A 44 -17.08 -24.65 21.85
C MET A 44 -17.98 -25.87 22.10
N THR A 45 -19.20 -25.88 21.48
CA THR A 45 -20.15 -26.97 21.63
C THR A 45 -19.57 -28.28 21.08
N LEU A 46 -18.92 -28.23 19.90
CA LEU A 46 -18.30 -29.39 19.25
C LEU A 46 -17.42 -30.26 20.21
N ASN A 47 -16.77 -29.61 21.21
CA ASN A 47 -15.95 -30.31 22.22
C ASN A 47 -16.72 -31.38 22.95
N GLY A 48 -18.01 -31.12 23.24
CA GLY A 48 -18.91 -32.05 23.91
C GLY A 48 -19.61 -33.04 22.99
N ALA A 49 -19.71 -32.70 21.69
CA ALA A 49 -20.37 -33.53 20.66
C ALA A 49 -19.63 -34.82 20.33
N ALA A 50 -20.40 -35.85 19.96
CA ALA A 50 -19.93 -37.17 19.55
C ALA A 50 -20.81 -37.70 18.42
N GLY A 51 -20.24 -38.58 17.60
CA GLY A 51 -20.94 -39.24 16.49
C GLY A 51 -21.47 -38.31 15.44
N VAL A 52 -22.67 -38.62 14.90
CA VAL A 52 -23.36 -37.85 13.83
C VAL A 52 -23.46 -36.37 14.19
N THR A 53 -23.79 -36.10 15.47
CA THR A 53 -23.90 -34.79 16.09
C THR A 53 -22.65 -33.98 15.76
N ALA A 54 -21.47 -34.56 16.07
CA ALA A 54 -20.15 -34.01 15.81
C ALA A 54 -19.84 -33.90 14.30
N ASP A 55 -20.23 -34.93 13.50
CA ASP A 55 -20.00 -34.97 12.05
C ASP A 55 -20.70 -33.86 11.31
N GLU A 56 -22.01 -33.65 11.58
CA GLU A 56 -22.86 -32.60 10.98
C GLU A 56 -22.31 -31.20 11.28
N MET A 57 -21.83 -31.00 12.52
CA MET A 57 -21.23 -29.75 12.96
C MET A 57 -19.94 -29.54 12.16
N LYS A 58 -19.00 -30.53 12.18
CA LYS A 58 -17.72 -30.47 11.45
C LYS A 58 -17.91 -30.26 9.94
N THR A 59 -19.00 -30.79 9.37
CA THR A 59 -19.34 -30.65 7.95
C THR A 59 -19.75 -29.23 7.63
N ALA A 60 -20.73 -28.67 8.38
CA ALA A 60 -21.24 -27.30 8.19
C ALA A 60 -20.15 -26.25 8.44
N LEU A 61 -19.27 -26.49 9.44
CA LEU A 61 -18.16 -25.62 9.82
C LEU A 61 -16.93 -25.79 8.95
N ARG A 62 -16.94 -26.79 8.04
CA ARG A 62 -15.84 -27.13 7.11
C ARG A 62 -14.55 -27.50 7.86
N GLU A 63 -14.69 -28.34 8.89
CA GLU A 63 -13.60 -28.79 9.73
C GLU A 63 -13.42 -30.30 9.73
N THR A 64 -14.08 -31.01 8.80
CA THR A 64 -13.97 -32.46 8.65
C THR A 64 -12.49 -32.83 8.44
N GLY A 65 -12.02 -33.80 9.19
CA GLY A 65 -10.63 -34.23 9.09
C GLY A 65 -9.74 -33.71 10.19
N TYR A 66 -10.10 -32.54 10.73
CA TYR A 66 -9.36 -31.89 11.81
C TYR A 66 -9.70 -32.53 13.15
N THR A 67 -8.70 -32.62 14.06
CA THR A 67 -8.90 -33.16 15.40
C THR A 67 -9.31 -32.00 16.32
N MET A 68 -10.01 -32.32 17.44
CA MET A 68 -10.43 -31.30 18.39
C MET A 68 -9.23 -30.50 18.94
N GLU A 69 -8.09 -31.19 19.19
CA GLU A 69 -6.82 -30.59 19.64
C GLU A 69 -6.38 -29.48 18.68
N ASP A 70 -6.37 -29.77 17.36
CA ASP A 70 -5.98 -28.82 16.35
C ASP A 70 -6.99 -27.67 16.30
N ILE A 71 -8.30 -27.97 16.17
CA ILE A 71 -9.35 -26.94 16.12
C ILE A 71 -9.22 -25.97 17.31
N ASN A 72 -9.14 -26.52 18.55
CA ASN A 72 -9.00 -25.73 19.77
C ASN A 72 -7.72 -24.86 19.76
N GLU A 73 -6.55 -25.44 19.40
CA GLU A 73 -5.28 -24.71 19.35
C GLU A 73 -5.30 -23.58 18.32
N TYR A 74 -5.90 -23.80 17.13
CA TYR A 74 -6.03 -22.80 16.06
C TYR A 74 -7.00 -21.70 16.50
N SER A 75 -8.19 -22.10 17.04
CA SER A 75 -9.21 -21.14 17.52
C SER A 75 -8.68 -20.20 18.63
N HIS A 76 -7.87 -20.73 19.57
CA HIS A 76 -7.32 -19.96 20.67
C HIS A 76 -6.24 -19.02 20.16
N SER A 77 -5.35 -19.48 19.25
CA SER A 77 -4.27 -18.64 18.72
C SER A 77 -4.76 -17.60 17.77
N LEU A 78 -5.73 -17.93 16.91
CA LEU A 78 -6.27 -16.94 15.97
C LEU A 78 -7.03 -15.85 16.70
N ARG A 79 -7.95 -16.21 17.65
CA ARG A 79 -8.72 -15.19 18.36
C ARG A 79 -7.82 -14.30 19.23
N GLU A 80 -6.85 -14.88 19.97
CA GLU A 80 -5.97 -14.08 20.83
C GLU A 80 -5.10 -13.08 20.01
N ALA A 81 -4.71 -13.46 18.78
CA ALA A 81 -3.94 -12.61 17.87
C ALA A 81 -4.81 -11.47 17.33
N LEU A 82 -6.01 -11.76 16.83
CA LEU A 82 -6.91 -10.73 16.30
C LEU A 82 -7.29 -9.69 17.35
N LEU A 83 -7.53 -10.15 18.59
CA LEU A 83 -7.89 -9.25 19.67
C LEU A 83 -6.72 -8.40 20.21
N LYS A 84 -5.45 -8.68 19.84
CA LYS A 84 -4.32 -7.85 20.33
C LYS A 84 -3.48 -7.18 19.23
N VAL A 85 -3.63 -7.62 17.98
CA VAL A 85 -2.82 -7.20 16.83
C VAL A 85 -2.85 -5.66 16.59
N ASP A 86 -4.02 -5.00 16.69
CA ASP A 86 -4.11 -3.55 16.46
C ASP A 86 -4.81 -2.80 17.62
N PRO A 87 -4.03 -2.17 18.52
CA PRO A 87 -4.64 -1.46 19.66
C PRO A 87 -5.56 -0.28 19.32
N SER A 88 -5.39 0.35 18.13
CA SER A 88 -6.22 1.50 17.72
C SER A 88 -7.63 1.04 17.44
N THR A 89 -7.77 -0.28 17.19
CA THR A 89 -9.01 -0.95 16.85
C THR A 89 -9.72 -1.49 18.10
N THR A 90 -11.05 -1.32 18.12
CA THR A 90 -11.98 -1.81 19.14
C THR A 90 -12.64 -3.01 18.52
N ILE A 91 -12.41 -4.18 19.12
CA ILE A 91 -12.85 -5.48 18.67
C ILE A 91 -12.99 -6.41 19.89
N GLY A 92 -14.11 -7.13 19.91
CA GLY A 92 -14.41 -8.09 20.95
C GLY A 92 -15.18 -9.26 20.39
N MET A 93 -15.02 -10.43 21.01
CA MET A 93 -15.73 -11.66 20.66
C MET A 93 -16.19 -12.32 21.96
N ALA A 94 -17.40 -11.97 22.45
CA ALA A 94 -17.96 -12.48 23.71
C ALA A 94 -18.72 -13.80 23.54
N ASN A 95 -18.22 -14.90 24.16
CA ASN A 95 -18.84 -16.22 24.07
C ASN A 95 -19.26 -16.77 25.41
N SER A 96 -20.39 -17.50 25.41
CA SER A 96 -20.92 -18.16 26.58
C SER A 96 -21.89 -19.29 26.21
N ILE A 97 -22.04 -20.24 27.13
CA ILE A 97 -22.96 -21.36 27.04
C ILE A 97 -23.77 -21.28 28.33
N TRP A 98 -25.09 -21.24 28.20
CA TRP A 98 -25.99 -21.16 29.33
C TRP A 98 -26.82 -22.41 29.32
N TYR A 99 -26.64 -23.26 30.33
CA TYR A 99 -27.33 -24.53 30.36
C TYR A 99 -28.26 -24.67 31.53
N LYS A 100 -29.17 -25.64 31.39
CA LYS A 100 -30.21 -26.06 32.30
C LYS A 100 -29.58 -26.50 33.64
N GLN A 101 -29.85 -25.70 34.68
CA GLN A 101 -29.44 -25.97 36.06
C GLN A 101 -30.00 -27.34 36.46
N GLY A 102 -29.14 -28.13 37.07
CA GLY A 102 -29.41 -29.50 37.48
C GLY A 102 -28.14 -30.29 37.39
N GLU A 103 -28.05 -31.25 36.45
CA GLU A 103 -26.85 -32.07 36.23
C GLU A 103 -25.70 -31.17 35.74
N LEU A 104 -24.60 -31.12 36.50
CA LEU A 104 -23.45 -30.26 36.19
C LEU A 104 -22.68 -30.68 34.93
N VAL A 105 -22.17 -29.70 34.23
CA VAL A 105 -21.39 -29.89 33.02
C VAL A 105 -20.03 -30.51 33.37
N LYS A 106 -19.50 -31.40 32.50
CA LYS A 106 -18.22 -32.09 32.69
C LYS A 106 -17.02 -31.13 32.72
N GLU A 107 -16.12 -31.28 33.73
CA GLU A 107 -14.95 -30.41 33.91
C GLU A 107 -14.13 -30.22 32.64
N PRO A 108 -13.78 -31.30 31.87
CA PRO A 108 -12.99 -31.07 30.65
C PRO A 108 -13.64 -30.13 29.68
N PHE A 109 -14.98 -30.18 29.54
CA PHE A 109 -15.75 -29.33 28.63
C PHE A 109 -15.59 -27.86 28.99
N ILE A 110 -15.85 -27.55 30.28
CA ILE A 110 -15.77 -26.22 30.88
C ILE A 110 -14.36 -25.68 30.66
N LEU A 111 -13.35 -26.47 31.08
CA LEU A 111 -11.93 -26.16 30.95
C LEU A 111 -11.57 -25.82 29.49
N ALA A 112 -11.90 -26.71 28.53
CA ALA A 112 -11.65 -26.49 27.10
C ALA A 112 -12.21 -25.14 26.66
N ASN A 113 -13.49 -24.85 27.03
CA ASN A 113 -14.25 -23.63 26.71
C ASN A 113 -13.60 -22.35 27.21
N ARG A 114 -13.08 -22.35 28.46
CA ARG A 114 -12.39 -21.16 29.00
C ARG A 114 -11.04 -20.95 28.36
N THR A 115 -10.20 -22.02 28.31
CA THR A 115 -8.84 -22.01 27.78
C THR A 115 -8.72 -21.54 26.34
N HIS A 116 -9.54 -22.10 25.43
CA HIS A 116 -9.45 -21.78 24.02
C HIS A 116 -10.42 -20.74 23.53
N TYR A 117 -11.49 -20.43 24.28
CA TYR A 117 -12.52 -19.52 23.75
C TYR A 117 -12.92 -18.37 24.69
N ASP A 118 -12.23 -18.23 25.85
CA ASP A 118 -12.57 -17.27 26.93
C ASP A 118 -14.07 -17.27 27.19
N ALA A 119 -14.66 -18.48 27.15
CA ALA A 119 -16.07 -18.73 27.29
C ALA A 119 -16.47 -19.20 28.68
N GLU A 120 -17.53 -18.61 29.24
CA GLU A 120 -18.13 -18.98 30.52
C GLU A 120 -19.29 -19.97 30.24
N VAL A 121 -19.28 -21.10 30.90
CA VAL A 121 -20.30 -22.13 30.74
C VAL A 121 -21.09 -22.06 32.04
N LYS A 122 -22.29 -21.43 32.01
CA LYS A 122 -23.07 -21.18 33.21
C LYS A 122 -24.40 -21.92 33.31
N ALA A 123 -24.70 -22.47 34.50
CA ALA A 123 -25.94 -23.20 34.82
C ALA A 123 -26.98 -22.24 35.36
N VAL A 124 -28.08 -22.09 34.64
CA VAL A 124 -29.15 -21.20 35.04
C VAL A 124 -30.48 -21.91 35.12
N ASP A 125 -31.38 -21.40 35.96
CA ASP A 125 -32.76 -21.86 36.04
C ASP A 125 -33.51 -20.94 35.04
N PHE A 126 -33.81 -21.47 33.83
CA PHE A 126 -34.45 -20.66 32.79
C PHE A 126 -35.84 -20.08 33.19
N SER A 127 -36.44 -20.58 34.30
CA SER A 127 -37.71 -20.08 34.81
C SER A 127 -37.48 -18.82 35.66
N SER A 128 -36.34 -18.74 36.38
CA SER A 128 -36.02 -17.59 37.24
C SER A 128 -36.07 -16.26 36.54
N PRO A 129 -36.76 -15.27 37.15
CA PRO A 129 -36.80 -13.91 36.56
C PRO A 129 -35.43 -13.22 36.59
N ALA A 130 -34.43 -13.84 37.23
CA ALA A 130 -33.06 -13.36 37.35
C ALA A 130 -32.17 -13.71 36.16
N THR A 131 -32.51 -14.78 35.40
CA THR A 131 -31.75 -15.32 34.26
C THR A 131 -31.57 -14.34 33.10
N LEU A 132 -32.68 -13.84 32.51
CA LEU A 132 -32.64 -12.89 31.39
C LEU A 132 -31.81 -11.65 31.77
N PRO A 133 -31.99 -11.01 32.97
CA PRO A 133 -31.10 -9.92 33.37
C PRO A 133 -29.64 -10.34 33.47
N ALA A 134 -29.39 -11.57 33.97
CA ALA A 134 -28.06 -12.14 34.14
C ALA A 134 -27.33 -12.30 32.81
N ILE A 135 -28.05 -12.81 31.78
CA ILE A 135 -27.48 -13.01 30.47
C ILE A 135 -27.17 -11.66 29.86
N ASN A 136 -28.15 -10.74 29.85
CA ASN A 136 -27.98 -9.41 29.30
C ASN A 136 -26.86 -8.63 30.01
N GLY A 137 -26.70 -8.89 31.31
CA GLY A 137 -25.66 -8.31 32.15
C GLY A 137 -24.29 -8.81 31.74
N TRP A 138 -24.17 -10.14 31.49
CA TRP A 138 -22.94 -10.80 31.03
C TRP A 138 -22.51 -10.15 29.73
N CYS A 139 -23.49 -9.90 28.83
CA CYS A 139 -23.25 -9.31 27.53
C CYS A 139 -22.67 -7.90 27.63
N ALA A 140 -23.32 -7.00 28.40
CA ALA A 140 -22.88 -5.63 28.60
C ALA A 140 -21.47 -5.61 29.20
N GLN A 141 -21.17 -6.40 30.24
CA GLN A 141 -19.81 -6.37 30.80
C GLN A 141 -18.75 -6.92 29.82
N LYS A 142 -19.03 -8.03 29.14
CA LYS A 142 -18.05 -8.63 28.23
C LYS A 142 -17.80 -7.77 26.97
N THR A 143 -18.80 -6.97 26.56
CA THR A 143 -18.63 -6.10 25.39
C THR A 143 -18.44 -4.63 25.78
N ASN A 144 -18.08 -4.38 27.06
CA ASN A 144 -17.89 -3.05 27.63
C ASN A 144 -18.99 -2.07 27.18
N ASP A 145 -20.26 -2.54 27.29
CA ASP A 145 -21.52 -1.88 26.97
C ASP A 145 -21.69 -1.55 25.47
N LYS A 146 -20.95 -2.24 24.58
CA LYS A 146 -21.15 -2.03 23.15
C LYS A 146 -22.46 -2.70 22.75
N ILE A 147 -22.64 -3.97 23.16
CA ILE A 147 -23.85 -4.77 22.97
C ILE A 147 -24.41 -4.93 24.37
N THR A 148 -25.59 -4.38 24.64
CA THR A 148 -26.16 -4.38 26.00
C THR A 148 -27.38 -5.30 26.18
N LYS A 149 -28.11 -5.59 25.09
CA LYS A 149 -29.22 -6.53 25.16
C LYS A 149 -29.01 -7.57 24.11
N ILE A 150 -29.08 -8.85 24.50
CA ILE A 150 -28.89 -9.95 23.56
C ILE A 150 -30.12 -10.88 23.57
N LEU A 151 -30.92 -10.86 24.65
CA LEU A 151 -32.12 -11.67 24.78
C LEU A 151 -33.31 -10.93 25.34
N ASP A 152 -34.48 -11.15 24.71
CA ASP A 152 -35.75 -10.54 25.09
C ASP A 152 -36.63 -11.50 25.87
N TYR A 153 -36.54 -12.81 25.55
CA TYR A 153 -37.27 -13.89 26.19
C TYR A 153 -36.57 -15.23 26.03
N ILE A 154 -36.64 -16.04 27.12
CA ILE A 154 -36.18 -17.44 27.15
C ILE A 154 -37.33 -18.28 27.71
N PRO A 155 -37.78 -19.33 26.99
CA PRO A 155 -38.77 -20.24 27.58
C PRO A 155 -38.14 -20.98 28.77
N GLY A 156 -38.99 -21.56 29.63
CA GLY A 156 -38.55 -22.30 30.81
C GLY A 156 -38.07 -23.71 30.48
N ASN A 157 -38.58 -24.26 29.37
CA ASN A 157 -38.27 -25.60 28.82
C ASN A 157 -36.88 -25.67 28.15
N ALA A 158 -36.16 -24.52 28.01
CA ALA A 158 -34.83 -24.41 27.39
C ALA A 158 -33.81 -25.41 27.95
N PHE A 159 -32.83 -25.80 27.10
CA PHE A 159 -31.78 -26.74 27.48
C PHE A 159 -30.41 -26.09 27.57
N MET A 160 -29.93 -25.52 26.44
CA MET A 160 -28.61 -24.92 26.36
C MET A 160 -28.61 -23.90 25.28
N TYR A 161 -28.15 -22.69 25.61
CA TYR A 161 -28.07 -21.55 24.70
C TYR A 161 -26.59 -21.20 24.47
N LEU A 162 -26.18 -21.12 23.21
CA LEU A 162 -24.82 -20.74 22.79
C LEU A 162 -24.96 -19.29 22.38
N ILE A 163 -24.39 -18.38 23.16
CA ILE A 163 -24.51 -16.94 22.90
C ILE A 163 -23.16 -16.33 22.49
N ASN A 164 -23.13 -15.65 21.35
CA ASN A 164 -21.95 -14.99 20.79
C ASN A 164 -22.26 -13.53 20.45
N ALA A 165 -21.49 -12.60 21.02
CA ALA A 165 -21.64 -11.15 20.86
C ALA A 165 -20.35 -10.57 20.29
N VAL A 166 -20.38 -10.07 19.05
CA VAL A 166 -19.17 -9.57 18.38
C VAL A 166 -19.31 -8.11 17.97
N TYR A 167 -18.28 -7.30 18.22
CA TYR A 167 -18.29 -5.89 17.85
C TYR A 167 -16.94 -5.41 17.29
N PHE A 168 -17.01 -4.42 16.37
CA PHE A 168 -15.84 -3.84 15.73
C PHE A 168 -15.98 -2.36 15.49
N LYS A 169 -14.92 -1.59 15.75
CA LYS A 169 -14.83 -0.17 15.47
C LYS A 169 -13.35 0.19 15.32
N GLY A 170 -12.96 0.66 14.15
CA GLY A 170 -11.57 1.03 13.88
C GLY A 170 -11.41 2.42 13.31
N ILE A 171 -10.16 2.92 13.29
CA ILE A 171 -9.87 4.25 12.73
C ILE A 171 -9.09 4.06 11.44
N TRP A 172 -9.39 4.84 10.40
CA TRP A 172 -8.76 4.68 9.10
C TRP A 172 -7.30 5.05 9.14
N VAL A 173 -6.45 4.53 8.23
CA VAL A 173 -5.03 4.95 8.17
C VAL A 173 -5.05 6.45 7.82
N THR A 174 -5.80 6.82 6.76
CA THR A 174 -6.03 8.18 6.29
C THR A 174 -7.46 8.60 6.69
N GLN A 175 -7.54 9.61 7.55
CA GLN A 175 -8.79 10.15 8.06
C GLN A 175 -9.60 10.90 7.01
N PHE A 176 -10.90 11.09 7.30
CA PHE A 176 -11.82 11.91 6.53
C PHE A 176 -11.90 13.23 7.32
N LYS A 177 -11.86 14.36 6.61
CA LYS A 177 -12.01 15.63 7.30
C LYS A 177 -13.48 15.73 7.73
N LYS A 178 -13.75 16.07 9.00
CA LYS A 178 -15.15 16.23 9.43
C LYS A 178 -15.80 17.39 8.65
N SER A 179 -14.96 18.37 8.22
CA SER A 179 -15.32 19.56 7.44
C SER A 179 -15.76 19.22 6.01
N ASP A 180 -15.35 18.03 5.51
CA ASP A 180 -15.67 17.55 4.18
C ASP A 180 -17.01 16.78 4.14
N THR A 181 -17.49 16.30 5.29
CA THR A 181 -18.73 15.55 5.37
C THR A 181 -19.90 16.49 5.07
N LYS A 182 -20.71 16.12 4.07
CA LYS A 182 -21.85 16.89 3.59
C LYS A 182 -23.11 16.02 3.57
N ARG A 183 -24.28 16.66 3.63
CA ARG A 183 -25.56 15.96 3.53
C ARG A 183 -25.76 15.59 2.06
N ALA A 184 -25.96 14.29 1.78
CA ALA A 184 -26.14 13.79 0.42
C ALA A 184 -27.16 12.67 0.37
N PRO A 185 -27.77 12.38 -0.81
CA PRO A 185 -28.76 11.28 -0.85
C PRO A 185 -28.15 9.90 -0.92
N PHE A 186 -28.89 8.91 -0.40
CA PHE A 186 -28.55 7.49 -0.39
C PHE A 186 -29.82 6.75 -0.81
N ARG A 187 -29.65 5.80 -1.70
CA ARG A 187 -30.78 5.03 -2.19
C ARG A 187 -30.90 3.75 -1.44
N LYS A 188 -31.99 3.66 -0.67
CA LYS A 188 -32.31 2.53 0.19
C LYS A 188 -32.79 1.34 -0.65
N ALA A 189 -32.64 0.12 -0.09
CA ALA A 189 -33.03 -1.13 -0.71
C ALA A 189 -34.52 -1.17 -1.07
N ASP A 190 -35.39 -0.55 -0.25
CA ASP A 190 -36.84 -0.49 -0.45
C ASP A 190 -37.30 0.45 -1.58
N GLY A 191 -36.36 1.08 -2.26
CA GLY A 191 -36.64 2.00 -3.36
C GLY A 191 -36.80 3.44 -2.92
N THR A 192 -36.67 3.70 -1.62
CA THR A 192 -36.74 5.06 -1.08
C THR A 192 -35.33 5.69 -1.17
N THR A 193 -35.27 7.03 -1.18
CA THR A 193 -34.03 7.80 -1.17
C THR A 193 -34.05 8.63 0.10
N GLN A 194 -33.06 8.41 0.98
CA GLN A 194 -32.88 9.11 2.24
C GLN A 194 -31.71 10.09 2.13
N GLU A 195 -31.59 11.04 3.08
CA GLU A 195 -30.45 11.97 3.18
C GLU A 195 -29.53 11.46 4.31
N VAL A 196 -28.23 11.41 4.01
CA VAL A 196 -27.25 10.88 4.97
C VAL A 196 -26.03 11.82 5.12
N ASN A 197 -25.17 11.54 6.11
CA ASN A 197 -23.94 12.30 6.33
C ASN A 197 -22.86 11.62 5.49
N MET A 198 -22.65 12.16 4.30
CA MET A 198 -21.71 11.64 3.30
C MET A 198 -20.28 12.16 3.49
N MET A 199 -19.40 11.29 4.02
CA MET A 199 -17.99 11.57 4.23
C MET A 199 -17.29 11.61 2.87
N ALA A 200 -16.15 12.34 2.79
CA ALA A 200 -15.38 12.45 1.56
C ALA A 200 -13.89 12.66 1.75
N GLN A 201 -13.11 12.00 0.87
CA GLN A 201 -11.66 12.10 0.76
C GLN A 201 -11.17 11.60 -0.58
N LYS A 202 -10.14 12.25 -1.13
CA LYS A 202 -9.47 11.85 -2.36
C LYS A 202 -8.10 11.36 -1.88
N SER A 203 -7.89 10.04 -1.96
CA SER A 203 -6.64 9.43 -1.51
C SER A 203 -6.26 8.18 -2.31
N THR A 204 -5.18 7.50 -1.89
CA THR A 204 -4.74 6.26 -2.51
C THR A 204 -5.34 5.10 -1.75
N PHE A 205 -6.13 4.28 -2.45
CA PHE A 205 -6.75 3.08 -1.89
C PHE A 205 -6.53 1.91 -2.84
N GLY A 206 -6.70 0.70 -2.32
CA GLY A 206 -6.63 -0.52 -3.09
C GLY A 206 -7.90 -0.59 -3.91
N TYR A 207 -7.78 -0.94 -5.21
CA TYR A 207 -8.93 -0.94 -6.07
C TYR A 207 -8.82 -1.97 -7.20
N THR A 208 -9.97 -2.59 -7.52
CA THR A 208 -10.18 -3.57 -8.57
C THR A 208 -11.64 -3.54 -8.99
N THR A 209 -11.95 -4.21 -10.11
CA THR A 209 -13.31 -4.32 -10.67
C THR A 209 -13.62 -5.72 -11.18
N ASP A 210 -14.93 -5.99 -11.29
CA ASP A 210 -15.61 -7.21 -11.74
C ASP A 210 -16.46 -6.88 -12.94
N GLU A 211 -17.30 -7.86 -13.34
CA GLU A 211 -18.28 -7.65 -14.38
C GLU A 211 -19.46 -6.91 -13.72
N CYS A 212 -19.65 -7.15 -12.39
CA CYS A 212 -20.71 -6.63 -11.52
C CYS A 212 -20.34 -5.45 -10.69
N CYS A 213 -19.10 -5.40 -10.19
CA CYS A 213 -18.80 -4.52 -9.09
C CYS A 213 -17.52 -3.73 -9.21
N GLN A 214 -17.40 -2.71 -8.33
CA GLN A 214 -16.23 -1.89 -8.04
C GLN A 214 -15.89 -2.29 -6.60
N TYR A 215 -14.60 -2.57 -6.32
CA TYR A 215 -14.14 -2.99 -5.01
C TYR A 215 -13.10 -2.02 -4.50
N LEU A 216 -13.22 -1.61 -3.23
CA LEU A 216 -12.27 -0.70 -2.59
C LEU A 216 -11.75 -1.29 -1.30
N GLU A 217 -10.42 -1.21 -1.06
CA GLU A 217 -9.82 -1.67 0.18
C GLU A 217 -9.36 -0.46 1.01
N MET A 218 -9.94 -0.33 2.20
CA MET A 218 -9.63 0.77 3.09
C MET A 218 -8.99 0.25 4.37
N ASP A 219 -7.70 0.53 4.51
CA ASP A 219 -6.90 0.09 5.64
C ASP A 219 -7.27 0.83 6.91
N TYR A 220 -7.27 0.06 8.01
CA TYR A 220 -7.51 0.48 9.37
C TYR A 220 -6.20 0.59 10.15
N GLY A 221 -6.12 1.59 11.02
CA GLY A 221 -5.14 1.60 12.10
C GLY A 221 -3.75 1.27 11.63
N ASN A 222 -3.18 0.14 12.07
CA ASN A 222 -1.80 -0.20 11.74
C ASN A 222 -1.71 -1.20 10.59
N LYS A 223 -2.68 -1.11 9.66
CA LYS A 223 -2.82 -1.96 8.48
C LYS A 223 -2.99 -3.46 8.83
N ALA A 224 -3.45 -3.80 10.08
CA ALA A 224 -3.69 -5.22 10.41
C ALA A 224 -5.02 -5.61 9.80
N PHE A 225 -6.02 -4.70 9.92
CA PHE A 225 -7.35 -4.90 9.38
C PHE A 225 -7.60 -3.95 8.24
N SER A 226 -8.59 -4.26 7.39
CA SER A 226 -9.03 -3.43 6.28
C SER A 226 -10.48 -3.71 5.97
N MET A 227 -11.18 -2.74 5.36
CA MET A 227 -12.54 -2.97 4.93
C MET A 227 -12.58 -3.05 3.43
N ILE A 228 -13.27 -4.07 2.90
CA ILE A 228 -13.46 -4.20 1.47
C ILE A 228 -14.89 -3.82 1.14
N VAL A 229 -15.05 -2.73 0.37
CA VAL A 229 -16.35 -2.25 -0.03
C VAL A 229 -16.66 -2.76 -1.43
N MET A 230 -17.78 -3.46 -1.56
CA MET A 230 -18.23 -4.05 -2.82
C MET A 230 -19.43 -3.25 -3.31
N LEU A 231 -19.18 -2.35 -4.30
CA LEU A 231 -20.18 -1.42 -4.83
C LEU A 231 -20.78 -1.93 -6.13
N PRO A 232 -22.02 -2.52 -6.09
CA PRO A 232 -22.61 -3.05 -7.32
C PRO A 232 -22.70 -2.00 -8.42
N ASN A 233 -22.38 -2.40 -9.65
CA ASN A 233 -22.42 -1.51 -10.82
C ASN A 233 -23.86 -1.15 -11.16
N GLU A 234 -24.07 -0.02 -11.84
CA GLU A 234 -25.40 0.40 -12.24
C GLU A 234 -26.06 -0.79 -12.94
N GLY A 235 -27.24 -1.16 -12.46
CA GLY A 235 -27.96 -2.32 -12.95
C GLY A 235 -27.83 -3.53 -12.04
N GLN A 236 -26.70 -3.68 -11.37
CA GLN A 236 -26.43 -4.77 -10.43
C GLN A 236 -26.92 -4.40 -9.03
N THR A 237 -27.26 -5.45 -8.23
CA THR A 237 -27.71 -5.34 -6.83
C THR A 237 -26.75 -6.06 -5.87
N THR A 238 -26.88 -5.80 -4.56
CA THR A 238 -26.04 -6.49 -3.56
C THR A 238 -26.33 -7.97 -3.51
N ARG A 239 -27.59 -8.39 -3.86
CA ARG A 239 -27.98 -9.79 -3.90
CA ARG A 239 -27.92 -9.81 -3.87
C ARG A 239 -27.13 -10.54 -4.94
N ASP A 240 -26.91 -9.91 -6.09
CA ASP A 240 -26.09 -10.46 -7.18
C ASP A 240 -24.64 -10.63 -6.66
N VAL A 241 -24.15 -9.68 -5.84
CA VAL A 241 -22.80 -9.74 -5.28
C VAL A 241 -22.70 -10.94 -4.33
N ILE A 242 -23.61 -11.01 -3.33
CA ILE A 242 -23.66 -12.06 -2.34
C ILE A 242 -23.74 -13.45 -2.97
N GLU A 243 -24.57 -13.61 -4.01
CA GLU A 243 -24.76 -14.88 -4.69
C GLU A 243 -23.48 -15.38 -5.42
N GLN A 244 -22.65 -14.44 -5.90
CA GLN A 244 -21.43 -14.68 -6.66
C GLN A 244 -20.19 -15.01 -5.82
N LEU A 245 -20.17 -14.63 -4.54
CA LEU A 245 -19.00 -14.82 -3.69
C LEU A 245 -18.72 -16.27 -3.33
N ASP A 246 -17.47 -16.67 -3.58
CA ASP A 246 -16.84 -17.93 -3.22
C ASP A 246 -15.34 -17.64 -3.18
N ASN A 247 -14.53 -18.57 -2.65
CA ASN A 247 -13.10 -18.30 -2.57
C ASN A 247 -12.44 -18.00 -3.92
N LYS A 248 -12.80 -18.72 -5.00
CA LYS A 248 -12.23 -18.47 -6.33
C LYS A 248 -12.47 -17.02 -6.71
N HIS A 249 -13.69 -16.53 -6.43
CA HIS A 249 -14.08 -15.16 -6.73
C HIS A 249 -13.41 -14.16 -5.81
N TRP A 250 -13.25 -14.51 -4.51
CA TRP A 250 -12.58 -13.64 -3.55
C TRP A 250 -11.09 -13.51 -3.91
N SER A 251 -10.45 -14.64 -4.31
CA SER A 251 -9.05 -14.69 -4.72
C SER A 251 -8.82 -13.74 -5.88
N MET A 252 -9.74 -13.75 -6.83
CA MET A 252 -9.76 -12.91 -8.02
C MET A 252 -9.85 -11.43 -7.66
N ILE A 253 -10.52 -11.08 -6.53
CA ILE A 253 -10.66 -9.69 -6.07
C ILE A 253 -9.34 -9.20 -5.46
N ILE A 254 -8.86 -9.88 -4.42
CA ILE A 254 -7.62 -9.59 -3.70
C ILE A 254 -6.40 -9.45 -4.62
N LYS A 255 -6.24 -10.39 -5.57
CA LYS A 255 -5.13 -10.40 -6.52
C LYS A 255 -5.21 -9.23 -7.51
N GLY A 256 -6.40 -8.65 -7.67
CA GLY A 256 -6.65 -7.54 -8.57
C GLY A 256 -6.45 -6.17 -7.96
N ILE A 257 -6.48 -6.11 -6.61
CA ILE A 257 -6.31 -4.90 -5.80
C ILE A 257 -4.97 -4.21 -6.12
N ARG A 258 -5.05 -2.97 -6.65
CA ARG A 258 -3.88 -2.14 -7.01
C ARG A 258 -4.02 -0.74 -6.41
N PRO A 259 -2.88 -0.17 -5.88
CA PRO A 259 -2.91 1.22 -5.36
C PRO A 259 -3.45 2.21 -6.38
N THR A 260 -4.57 2.84 -6.04
CA THR A 260 -5.28 3.72 -6.95
C THR A 260 -5.70 5.03 -6.30
N GLN A 261 -5.63 6.11 -7.09
CA GLN A 261 -6.10 7.42 -6.66
C GLN A 261 -7.62 7.44 -6.84
N VAL A 262 -8.33 7.57 -5.71
CA VAL A 262 -9.79 7.50 -5.70
C VAL A 262 -10.41 8.70 -5.00
N SER A 263 -11.50 9.23 -5.60
CA SER A 263 -12.37 10.25 -5.01
C SER A 263 -13.43 9.42 -4.27
N LEU A 264 -13.35 9.32 -2.92
CA LEU A 264 -14.29 8.52 -2.15
C LEU A 264 -15.38 9.32 -1.45
N ARG A 265 -16.60 8.80 -1.51
CA ARG A 265 -17.78 9.31 -0.83
C ARG A 265 -18.40 8.09 -0.11
N MET A 266 -18.42 8.12 1.23
CA MET A 266 -18.92 7.01 2.03
C MET A 266 -19.82 7.52 3.16
N PRO A 267 -21.01 6.92 3.40
CA PRO A 267 -21.84 7.42 4.51
C PRO A 267 -21.31 7.00 5.88
N ARG A 268 -21.69 7.73 6.92
CA ARG A 268 -21.37 7.36 8.30
C ARG A 268 -22.50 6.38 8.64
N PHE A 269 -22.17 5.19 9.12
CA PHE A 269 -23.20 4.21 9.43
C PHE A 269 -22.86 3.35 10.63
N LYS A 270 -23.90 2.81 11.25
CA LYS A 270 -23.85 1.90 12.39
C LYS A 270 -24.85 0.81 12.06
N THR A 271 -24.54 -0.45 12.41
CA THR A 271 -25.46 -1.57 12.24
C THR A 271 -25.30 -2.56 13.38
N GLU A 272 -26.45 -2.97 13.97
CA GLU A 272 -26.53 -3.94 15.08
C GLU A 272 -27.53 -4.98 14.64
N CYS A 273 -27.05 -6.23 14.54
CA CYS A 273 -27.85 -7.34 14.05
C CYS A 273 -27.89 -8.47 15.02
N LYS A 274 -29.04 -9.16 15.12
CA LYS A 274 -29.24 -10.30 16.01
C LYS A 274 -29.78 -11.46 15.20
N TYR A 275 -29.20 -12.65 15.36
CA TYR A 275 -29.60 -13.84 14.62
C TYR A 275 -29.77 -15.04 15.50
N GLY A 276 -30.77 -15.85 15.16
CA GLY A 276 -31.06 -17.11 15.81
C GLY A 276 -30.78 -18.18 14.79
N LEU A 277 -29.47 -18.46 14.62
CA LEU A 277 -28.91 -19.39 13.64
C LEU A 277 -29.42 -20.88 13.77
N GLU A 278 -30.07 -21.26 14.88
CA GLU A 278 -30.66 -22.60 15.03
C GLU A 278 -31.85 -22.80 14.08
N LYS A 279 -32.71 -21.76 13.94
CA LYS A 279 -33.98 -21.81 13.19
C LYS A 279 -33.85 -22.36 11.77
N LYS A 280 -33.15 -21.68 10.85
CA LYS A 280 -33.10 -22.14 9.46
C LYS A 280 -31.72 -22.04 8.84
N ILE A 281 -30.89 -21.10 9.31
CA ILE A 281 -29.58 -20.83 8.72
C ILE A 281 -28.61 -22.01 8.95
N LEU A 282 -28.39 -22.42 10.21
CA LEU A 282 -27.46 -23.53 10.44
C LEU A 282 -28.00 -24.88 9.93
N PRO A 283 -29.31 -25.25 10.09
CA PRO A 283 -29.77 -26.51 9.49
C PRO A 283 -29.54 -26.61 7.98
N GLU A 284 -29.79 -25.49 7.23
CA GLU A 284 -29.60 -25.43 5.78
C GLU A 284 -28.16 -25.71 5.40
N MET A 285 -27.22 -25.26 6.26
CA MET A 285 -25.79 -25.43 6.04
C MET A 285 -25.30 -26.84 6.29
N GLY A 286 -26.09 -27.66 6.97
CA GLY A 286 -25.74 -29.05 7.21
C GLY A 286 -25.88 -29.58 8.62
N MET A 287 -26.04 -28.69 9.63
CA MET A 287 -26.21 -29.20 10.99
C MET A 287 -27.66 -29.09 11.42
N ASN A 288 -28.32 -30.26 11.52
CA ASN A 288 -29.72 -30.39 11.90
C ASN A 288 -29.87 -31.12 13.23
N VAL A 289 -29.12 -32.24 13.43
CA VAL A 289 -29.14 -33.09 14.64
C VAL A 289 -28.78 -32.32 15.93
N PRO A 290 -27.74 -31.42 15.98
CA PRO A 290 -27.41 -30.78 17.26
C PRO A 290 -28.50 -29.92 17.89
N PHE A 291 -29.55 -29.58 17.10
CA PHE A 291 -30.65 -28.75 17.58
C PHE A 291 -31.86 -29.55 17.95
N THR A 292 -31.74 -30.90 17.96
CA THR A 292 -32.79 -31.88 18.27
C THR A 292 -32.50 -32.75 19.52
N GLU A 293 -33.57 -33.31 20.11
CA GLU A 293 -33.64 -34.22 21.26
C GLU A 293 -32.69 -35.42 21.10
N THR A 294 -32.45 -35.82 19.84
CA THR A 294 -31.61 -36.94 19.41
C THR A 294 -30.10 -36.63 19.36
N ALA A 295 -29.67 -35.37 19.64
CA ALA A 295 -28.26 -34.96 19.62
C ALA A 295 -27.46 -35.69 20.70
N ASP A 296 -26.21 -36.06 20.38
CA ASP A 296 -25.36 -36.73 21.35
C ASP A 296 -24.19 -35.86 21.76
N PHE A 297 -24.29 -35.26 22.95
CA PHE A 297 -23.27 -34.38 23.54
C PHE A 297 -22.79 -35.00 24.87
N PRO A 298 -22.13 -36.21 24.88
CA PRO A 298 -21.71 -36.81 26.16
C PRO A 298 -20.66 -36.05 26.92
N GLY A 299 -19.88 -35.25 26.22
CA GLY A 299 -18.85 -34.41 26.82
C GLY A 299 -19.43 -33.25 27.61
N ILE A 300 -20.72 -32.87 27.39
CA ILE A 300 -21.30 -31.78 28.15
C ILE A 300 -21.90 -32.33 29.46
N THR A 301 -22.82 -33.32 29.38
CA THR A 301 -23.42 -33.98 30.54
C THR A 301 -23.90 -35.34 30.10
N ASP A 302 -24.06 -36.27 31.06
CA ASP A 302 -24.61 -37.61 30.83
C ASP A 302 -26.11 -37.47 30.55
N ALA A 303 -26.72 -36.42 31.16
CA ALA A 303 -28.13 -36.09 30.99
C ALA A 303 -28.34 -35.59 29.56
N ALA A 304 -29.55 -35.80 29.03
CA ALA A 304 -29.90 -35.37 27.69
C ALA A 304 -29.75 -33.86 27.58
N ILE A 305 -29.12 -33.40 26.49
CA ILE A 305 -28.90 -31.99 26.20
C ILE A 305 -28.69 -31.81 24.69
N PHE A 306 -29.09 -30.67 24.15
CA PHE A 306 -28.91 -30.30 22.76
C PHE A 306 -28.87 -28.77 22.67
N ILE A 307 -28.57 -28.20 21.50
CA ILE A 307 -28.54 -26.75 21.39
C ILE A 307 -29.96 -26.20 21.17
N SER A 308 -30.47 -25.47 22.17
CA SER A 308 -31.75 -24.81 22.15
C SER A 308 -31.73 -23.60 21.21
N ARG A 309 -30.67 -22.74 21.29
CA ARG A 309 -30.53 -21.55 20.44
C ARG A 309 -29.05 -21.17 20.25
N VAL A 310 -28.74 -20.60 19.07
CA VAL A 310 -27.40 -20.09 18.74
C VAL A 310 -27.62 -18.62 18.49
N ILE A 311 -27.39 -17.80 19.50
CA ILE A 311 -27.62 -16.37 19.38
C ILE A 311 -26.35 -15.67 18.93
N HIS A 312 -26.47 -14.98 17.78
CA HIS A 312 -25.36 -14.22 17.19
C HIS A 312 -25.74 -12.76 17.11
N LYS A 313 -25.07 -11.92 17.90
CA LYS A 313 -25.37 -10.50 17.87
C LYS A 313 -24.12 -9.74 17.54
N THR A 314 -24.21 -8.84 16.54
CA THR A 314 -23.11 -8.06 15.98
C THR A 314 -23.32 -6.56 16.05
N PHE A 315 -22.21 -5.82 15.99
CA PHE A 315 -22.21 -4.36 16.03
C PHE A 315 -20.98 -3.82 15.29
N VAL A 316 -21.20 -2.79 14.43
CA VAL A 316 -20.15 -2.06 13.71
C VAL A 316 -20.55 -0.59 13.55
N GLN A 317 -19.54 0.28 13.49
CA GLN A 317 -19.72 1.71 13.37
C GLN A 317 -18.60 2.28 12.52
N VAL A 318 -18.98 3.08 11.51
CA VAL A 318 -18.08 3.74 10.58
C VAL A 318 -18.30 5.25 10.69
N ASP A 319 -17.20 5.98 10.91
CA ASP A 319 -17.14 7.44 10.98
C ASP A 319 -15.84 7.97 10.30
N GLU A 320 -15.57 9.30 10.43
CA GLU A 320 -14.45 10.00 9.79
C GLU A 320 -13.09 9.67 10.36
N GLU A 321 -13.03 9.44 11.71
CA GLU A 321 -11.79 9.25 12.48
C GLU A 321 -10.77 8.35 11.80
N GLY A 322 -9.54 8.84 11.75
CA GLY A 322 -8.38 8.17 11.16
C GLY A 322 -7.09 8.61 11.80
N THR A 323 -6.07 7.74 11.80
CA THR A 323 -4.76 7.93 12.43
C THR A 323 -4.12 9.30 12.05
N GLU A 324 -3.84 9.52 10.77
CA GLU A 324 -3.23 10.74 10.30
C GLU A 324 -4.07 11.47 9.24
N ALA A 325 -3.66 12.70 8.90
CA ALA A 325 -4.27 13.50 7.84
C ALA A 325 -3.56 13.15 6.55
N ALA A 326 -4.27 13.21 5.41
CA ALA A 326 -3.67 12.89 4.11
C ALA A 326 -2.69 13.99 3.77
N ALA A 327 -1.41 13.64 3.58
CA ALA A 327 -0.37 14.63 3.27
C ALA A 327 -0.59 15.21 1.89
N VAL A 328 -0.11 16.45 1.69
CA VAL A 328 -0.20 17.15 0.41
C VAL A 328 0.70 16.43 -0.57
N THR A 329 0.10 16.01 -1.71
CA THR A 329 0.85 15.34 -2.76
C THR A 329 1.41 16.36 -3.75
N ALA A 330 2.50 16.01 -4.47
CA ALA A 330 3.18 16.89 -5.42
C ALA A 330 2.28 17.31 -6.58
N VAL A 331 1.41 16.39 -7.06
CA VAL A 331 0.44 16.63 -8.14
C VAL A 331 -0.51 17.80 -7.77
N GLU A 332 -0.90 17.87 -6.46
CA GLU A 332 -1.75 18.91 -5.85
C GLU A 332 -1.02 20.26 -5.93
N MET A 333 0.28 20.24 -5.65
CA MET A 333 1.15 21.40 -5.64
C MET A 333 1.56 21.93 -7.04
N VAL A 334 1.93 21.03 -7.97
CA VAL A 334 2.49 21.34 -9.28
C VAL A 334 1.60 22.25 -10.13
N LYS A 335 0.28 22.24 -9.90
CA LYS A 335 -0.67 23.04 -10.68
C LYS A 335 -0.69 22.59 -12.15
N THR A 336 -0.51 21.25 -12.35
CA THR A 336 -0.61 20.66 -13.67
C THR A 336 -1.14 19.25 -13.52
N SER A 337 -1.17 18.53 -14.64
CA SER A 337 -1.92 17.31 -14.80
C SER A 337 -1.63 16.27 -13.73
N SER A 338 -2.70 15.62 -13.29
CA SER A 338 -2.66 14.28 -12.72
C SER A 338 -2.62 13.29 -13.88
N PRO A 339 -1.42 12.72 -14.22
CA PRO A 339 -1.33 11.82 -15.37
C PRO A 339 -1.65 10.37 -15.01
N SER A 340 -1.43 9.45 -15.96
CA SER A 340 -1.62 8.01 -15.82
C SER A 340 -3.10 7.63 -15.75
N THR A 341 -3.78 7.99 -14.66
CA THR A 341 -5.18 7.69 -14.47
C THR A 341 -5.87 8.90 -13.84
N THR A 342 -7.18 9.12 -14.14
CA THR A 342 -7.95 10.21 -13.53
C THR A 342 -8.57 9.58 -12.24
N PRO A 343 -8.54 10.24 -11.06
CA PRO A 343 -9.13 9.61 -9.86
C PRO A 343 -10.47 8.92 -10.11
N ILE A 344 -10.56 7.64 -9.76
CA ILE A 344 -11.77 6.84 -9.89
C ILE A 344 -12.82 7.45 -8.93
N ASN A 345 -14.09 7.55 -9.37
CA ASN A 345 -15.15 7.99 -8.47
C ASN A 345 -15.78 6.79 -7.85
N PHE A 346 -15.68 6.68 -6.51
CA PHE A 346 -16.27 5.60 -5.75
C PHE A 346 -17.33 6.21 -4.80
N HIS A 347 -18.57 6.47 -5.31
CA HIS A 347 -19.62 7.10 -4.51
C HIS A 347 -20.61 6.09 -3.95
N ILE A 348 -20.50 5.82 -2.64
CA ILE A 348 -21.39 4.88 -1.94
C ILE A 348 -22.70 5.59 -1.54
N ASN A 349 -23.66 5.63 -2.47
CA ASN A 349 -24.95 6.32 -2.32
C ASN A 349 -26.11 5.40 -2.72
N LYS A 350 -25.83 4.10 -2.64
CA LYS A 350 -26.75 3.01 -2.96
C LYS A 350 -26.29 1.83 -2.12
N PRO A 351 -27.07 0.70 -1.99
CA PRO A 351 -26.63 -0.39 -1.10
C PRO A 351 -25.32 -1.07 -1.53
N PHE A 352 -24.57 -1.52 -0.56
CA PHE A 352 -23.25 -2.12 -0.76
C PHE A 352 -23.00 -3.33 0.14
N VAL A 353 -22.07 -4.19 -0.28
CA VAL A 353 -21.62 -5.36 0.50
C VAL A 353 -20.27 -4.92 1.02
N PHE A 354 -19.94 -5.27 2.26
CA PHE A 354 -18.64 -4.94 2.84
C PHE A 354 -18.15 -6.10 3.72
N ALA A 355 -16.81 -6.16 3.90
CA ALA A 355 -16.15 -7.19 4.71
C ALA A 355 -15.00 -6.58 5.46
N ILE A 356 -14.78 -7.04 6.68
CA ILE A 356 -13.63 -6.61 7.49
C ILE A 356 -12.71 -7.83 7.60
N ARG A 357 -11.52 -7.72 6.98
CA ARG A 357 -10.56 -8.81 6.90
C ARG A 357 -9.26 -8.49 7.60
N GLU A 358 -8.47 -9.51 7.92
CA GLU A 358 -7.13 -9.34 8.51
C GLU A 358 -6.18 -9.61 7.33
N LYS A 359 -5.33 -8.65 7.02
CA LYS A 359 -4.48 -8.66 5.85
C LYS A 359 -3.32 -9.71 5.85
N SER A 360 -2.73 -10.05 7.01
CA SER A 360 -1.58 -10.99 6.97
C SER A 360 -1.96 -12.45 6.73
N THR A 361 -3.16 -12.84 7.16
CA THR A 361 -3.67 -14.20 7.02
C THR A 361 -4.79 -14.26 5.96
N GLY A 362 -5.48 -13.15 5.75
CA GLY A 362 -6.57 -13.09 4.81
C GLY A 362 -7.91 -13.51 5.37
N VAL A 363 -7.99 -13.77 6.69
CA VAL A 363 -9.22 -14.18 7.37
C VAL A 363 -10.27 -13.07 7.29
N ILE A 364 -11.52 -13.44 7.04
CA ILE A 364 -12.63 -12.50 7.00
C ILE A 364 -13.24 -12.59 8.40
N LEU A 365 -13.12 -11.51 9.18
CA LEU A 365 -13.64 -11.44 10.54
C LEU A 365 -15.15 -11.16 10.47
N PHE A 366 -15.53 -10.17 9.65
CA PHE A 366 -16.93 -9.75 9.48
C PHE A 366 -17.28 -9.61 8.00
N ILE A 367 -18.55 -9.83 7.65
CA ILE A 367 -19.06 -9.67 6.31
C ILE A 367 -20.54 -9.22 6.43
N GLY A 368 -20.98 -8.34 5.54
CA GLY A 368 -22.34 -7.83 5.57
C GLY A 368 -22.77 -6.93 4.43
N GLU A 369 -24.00 -6.40 4.54
CA GLU A 369 -24.65 -5.57 3.54
C GLU A 369 -25.36 -4.40 4.20
N ILE A 370 -25.25 -3.20 3.63
CA ILE A 370 -25.96 -2.03 4.14
C ILE A 370 -26.96 -1.60 3.06
N GLY A 371 -28.24 -1.75 3.36
CA GLY A 371 -29.29 -1.34 2.45
C GLY A 371 -29.99 -0.10 2.92
N GLU A 372 -29.74 0.27 4.19
CA GLU A 372 -30.32 1.43 4.84
C GLU A 372 -29.32 2.04 5.81
N VAL A 373 -28.98 3.33 5.59
CA VAL A 373 -28.02 4.05 6.43
C VAL A 373 -28.66 4.59 7.71
N LYS A 374 -28.11 4.17 8.84
CA LYS A 374 -28.54 4.56 10.18
C LYS A 374 -27.27 4.90 10.93
N GLU A 375 -27.31 5.90 11.81
CA GLU A 375 -26.11 6.21 12.60
C GLU A 375 -26.42 6.49 14.10
N PRO B 2 0.56 23.83 -24.50
CA PRO B 2 0.24 24.61 -23.30
C PRO B 2 0.99 24.11 -22.06
N LEU B 3 0.28 23.89 -20.90
CA LEU B 3 0.80 23.42 -19.61
C LEU B 3 1.58 22.13 -19.81
N GLY B 4 0.83 21.05 -20.03
CA GLY B 4 1.40 19.74 -20.29
C GLY B 4 1.06 18.68 -19.28
N SER B 5 0.54 17.56 -19.79
CA SER B 5 0.18 16.35 -19.02
C SER B 5 1.22 15.28 -19.38
N GLU B 6 1.39 15.12 -20.69
CA GLU B 6 2.33 14.25 -21.38
C GLU B 6 3.74 14.73 -21.12
N LYS B 7 3.92 15.87 -20.40
CA LYS B 7 5.24 16.41 -20.06
C LYS B 7 5.95 15.46 -19.10
N ILE B 8 5.20 14.84 -18.16
CA ILE B 8 5.72 13.85 -17.21
C ILE B 8 6.16 12.60 -18.00
N GLU B 9 5.32 12.19 -18.99
CA GLU B 9 5.51 11.06 -19.92
C GLU B 9 6.72 11.32 -20.83
N LYS B 10 6.93 12.58 -21.28
CA LYS B 10 8.03 12.99 -22.13
C LYS B 10 9.36 13.02 -21.35
N ASP B 11 9.33 13.53 -20.10
CA ASP B 11 10.48 13.57 -19.23
C ASP B 11 10.91 12.16 -18.82
N ASN B 12 9.94 11.24 -18.64
CA ASN B 12 10.24 9.84 -18.34
C ASN B 12 10.83 9.15 -19.56
N ALA B 13 10.33 9.54 -20.76
CA ALA B 13 10.81 9.02 -22.04
C ALA B 13 12.28 9.43 -22.21
N PHE B 14 12.61 10.67 -21.79
CA PHE B 14 13.96 11.20 -21.79
C PHE B 14 14.79 10.40 -20.77
N ALA B 15 14.24 10.15 -19.56
CA ALA B 15 14.89 9.39 -18.50
C ALA B 15 15.46 8.05 -18.98
N PHE B 16 14.62 7.23 -19.67
CA PHE B 16 15.01 5.92 -20.21
C PHE B 16 16.10 6.06 -21.25
N ASP B 17 15.92 7.03 -22.19
CA ASP B 17 16.85 7.32 -23.27
C ASP B 17 18.21 7.73 -22.72
N LEU B 18 18.24 8.61 -21.69
CA LEU B 18 19.49 9.06 -21.06
C LEU B 18 20.20 7.91 -20.38
N LEU B 19 19.47 7.08 -19.60
CA LEU B 19 20.02 5.88 -18.94
C LEU B 19 20.67 4.93 -19.96
N GLN B 20 19.98 4.67 -21.07
CA GLN B 20 20.45 3.79 -22.12
C GLN B 20 21.72 4.34 -22.79
N THR B 21 21.72 5.64 -23.12
CA THR B 21 22.84 6.33 -23.78
C THR B 21 24.06 6.44 -22.85
N THR B 22 23.82 6.70 -21.55
CA THR B 22 24.86 6.80 -20.53
C THR B 22 25.58 5.45 -20.36
N ARG B 23 24.82 4.35 -20.25
CA ARG B 23 25.39 3.02 -20.10
C ARG B 23 26.23 2.62 -21.33
N LYS B 24 25.75 2.99 -22.53
CA LYS B 24 26.42 2.70 -23.78
C LYS B 24 27.84 3.28 -23.76
N HIS B 25 28.02 4.48 -23.16
CA HIS B 25 29.28 5.22 -23.14
C HIS B 25 30.05 5.27 -21.83
N VAL B 26 29.69 4.44 -20.85
CA VAL B 26 30.33 4.43 -19.54
C VAL B 26 30.74 2.99 -19.18
N THR B 27 31.97 2.81 -18.68
CA THR B 27 32.53 1.49 -18.34
C THR B 27 32.32 1.05 -16.90
N GLU B 28 32.14 2.02 -15.99
CA GLU B 28 31.96 1.89 -14.54
C GLU B 28 30.90 0.85 -14.17
N ALA B 29 31.09 0.15 -13.05
CA ALA B 29 30.14 -0.86 -12.57
C ALA B 29 28.81 -0.22 -12.16
N ASN B 30 28.85 0.99 -11.55
CA ASN B 30 27.65 1.69 -11.12
C ASN B 30 27.32 2.86 -12.00
N VAL B 31 26.00 3.06 -12.17
CA VAL B 31 25.41 4.17 -12.93
C VAL B 31 24.32 4.82 -12.07
N PHE B 32 24.36 6.13 -11.93
CA PHE B 32 23.36 6.85 -11.16
C PHE B 32 23.17 8.24 -11.74
N ILE B 33 22.00 8.48 -12.36
CA ILE B 33 21.70 9.74 -13.02
C ILE B 33 20.36 10.32 -12.59
N SER B 34 20.22 11.65 -12.68
CA SER B 34 18.94 12.32 -12.45
C SER B 34 18.56 12.98 -13.80
N PRO B 35 17.91 12.23 -14.71
CA PRO B 35 17.56 12.82 -16.01
C PRO B 35 16.67 14.06 -15.90
N LEU B 36 15.78 14.09 -14.88
CA LEU B 36 14.92 15.25 -14.65
C LEU B 36 15.75 16.49 -14.38
N SER B 37 16.75 16.39 -13.48
CA SER B 37 17.63 17.50 -13.13
C SER B 37 18.44 17.98 -14.33
N VAL B 38 18.90 17.03 -15.18
CA VAL B 38 19.66 17.28 -16.40
C VAL B 38 18.78 18.07 -17.37
N SER B 39 17.49 17.64 -17.52
CA SER B 39 16.49 18.27 -18.39
C SER B 39 16.33 19.73 -17.98
N MET B 40 16.16 19.97 -16.68
CA MET B 40 16.00 21.28 -16.06
C MET B 40 17.25 22.15 -16.22
N ALA B 41 18.45 21.54 -16.11
CA ALA B 41 19.74 22.22 -16.26
C ALA B 41 19.94 22.69 -17.71
N LEU B 42 19.59 21.83 -18.69
CA LEU B 42 19.67 22.19 -20.11
C LEU B 42 18.60 23.22 -20.48
N ASN B 43 17.46 23.24 -19.72
CA ASN B 43 16.39 24.22 -19.90
C ASN B 43 16.88 25.62 -19.55
N MET B 44 17.85 25.71 -18.62
CA MET B 44 18.50 26.94 -18.23
C MET B 44 19.19 27.54 -19.46
N THR B 45 20.08 26.75 -20.11
CA THR B 45 20.80 27.17 -21.32
C THR B 45 19.83 27.50 -22.46
N LEU B 46 18.82 26.63 -22.67
CA LEU B 46 17.80 26.79 -23.71
C LEU B 46 17.19 28.21 -23.78
N ASN B 47 17.08 28.91 -22.62
CA ASN B 47 16.57 30.29 -22.53
C ASN B 47 17.32 31.25 -23.43
N GLY B 48 18.64 31.05 -23.52
CA GLY B 48 19.51 31.85 -24.35
C GLY B 48 19.62 31.38 -25.80
N ALA B 49 19.31 30.09 -26.06
CA ALA B 49 19.39 29.46 -27.39
C ALA B 49 18.36 29.96 -28.39
N ALA B 50 18.74 29.95 -29.67
CA ALA B 50 17.93 30.35 -30.81
C ALA B 50 18.25 29.46 -32.01
N GLY B 51 17.29 29.35 -32.92
CA GLY B 51 17.43 28.56 -34.15
C GLY B 51 17.69 27.09 -33.95
N VAL B 52 18.56 26.50 -34.80
CA VAL B 52 18.93 25.08 -34.80
C VAL B 52 19.42 24.63 -33.43
N THR B 53 20.27 25.44 -32.76
CA THR B 53 20.76 25.16 -31.41
C THR B 53 19.55 24.88 -30.51
N ALA B 54 18.57 25.81 -30.47
CA ALA B 54 17.36 25.64 -29.68
C ALA B 54 16.56 24.41 -30.09
N ASP B 55 16.44 24.14 -31.42
CA ASP B 55 15.70 22.99 -31.97
C ASP B 55 16.30 21.66 -31.53
N GLU B 56 17.64 21.49 -31.69
CA GLU B 56 18.42 20.30 -31.32
C GLU B 56 18.28 19.99 -29.84
N MET B 57 18.31 21.05 -28.99
CA MET B 57 18.13 20.96 -27.54
C MET B 57 16.71 20.50 -27.24
N LYS B 58 15.67 21.20 -27.77
CA LYS B 58 14.26 20.85 -27.58
C LYS B 58 13.92 19.44 -28.08
N THR B 59 14.61 18.96 -29.12
CA THR B 59 14.43 17.62 -29.69
C THR B 59 14.95 16.55 -28.73
N ALA B 60 16.23 16.68 -28.28
CA ALA B 60 16.89 15.76 -27.36
C ALA B 60 16.15 15.70 -25.98
N LEU B 61 15.68 16.87 -25.51
CA LEU B 61 14.96 17.03 -24.24
C LEU B 61 13.49 16.66 -24.33
N ARG B 62 12.98 16.38 -25.54
CA ARG B 62 11.57 16.03 -25.85
C ARG B 62 10.60 17.15 -25.43
N GLU B 63 10.95 18.39 -25.79
CA GLU B 63 10.17 19.58 -25.47
C GLU B 63 9.74 20.36 -26.70
N THR B 64 9.85 19.74 -27.90
CA THR B 64 9.45 20.34 -29.18
C THR B 64 7.97 20.73 -29.09
N GLY B 65 7.69 21.96 -29.47
CA GLY B 65 6.32 22.48 -29.43
C GLY B 65 6.01 23.39 -28.26
N TYR B 66 6.64 23.14 -27.09
CA TYR B 66 6.44 23.97 -25.89
C TYR B 66 7.19 25.29 -25.97
N THR B 67 6.59 26.36 -25.40
CA THR B 67 7.18 27.70 -25.35
C THR B 67 8.10 27.78 -24.13
N MET B 68 9.09 28.68 -24.19
CA MET B 68 10.03 28.86 -23.07
C MET B 68 9.29 29.23 -21.77
N GLU B 69 8.27 30.10 -21.86
CA GLU B 69 7.44 30.50 -20.73
C GLU B 69 6.84 29.27 -20.04
N ASP B 70 6.27 28.34 -20.85
CA ASP B 70 5.66 27.08 -20.42
C ASP B 70 6.70 26.17 -19.73
N ILE B 71 7.84 25.93 -20.41
CA ILE B 71 8.95 25.11 -19.90
C ILE B 71 9.45 25.64 -18.55
N ASN B 72 9.75 26.95 -18.46
CA ASN B 72 10.22 27.61 -17.23
C ASN B 72 9.20 27.54 -16.09
N GLU B 73 7.88 27.74 -16.37
CA GLU B 73 6.82 27.64 -15.36
C GLU B 73 6.64 26.21 -14.81
N TYR B 74 6.74 25.19 -15.68
CA TYR B 74 6.66 23.77 -15.31
C TYR B 74 7.89 23.37 -14.50
N SER B 75 9.10 23.74 -15.00
CA SER B 75 10.37 23.43 -14.34
C SER B 75 10.46 24.01 -12.93
N HIS B 76 10.00 25.26 -12.77
CA HIS B 76 9.98 25.92 -11.47
C HIS B 76 9.01 25.21 -10.50
N SER B 77 7.76 24.98 -10.94
CA SER B 77 6.75 24.39 -10.08
C SER B 77 7.04 22.95 -9.73
N LEU B 78 7.57 22.16 -10.68
CA LEU B 78 7.89 20.76 -10.39
C LEU B 78 9.06 20.66 -9.42
N ARG B 79 10.18 21.40 -9.65
CA ARG B 79 11.33 21.34 -8.74
C ARG B 79 10.98 21.85 -7.32
N GLU B 80 10.24 22.97 -7.19
CA GLU B 80 9.90 23.51 -5.88
C GLU B 80 9.00 22.54 -5.07
N ALA B 81 8.13 21.76 -5.76
CA ALA B 81 7.26 20.76 -5.15
C ALA B 81 8.06 19.56 -4.69
N LEU B 82 8.94 19.01 -5.54
CA LEU B 82 9.77 17.85 -5.17
C LEU B 82 10.65 18.13 -3.99
N LEU B 83 11.23 19.34 -3.94
CA LEU B 83 12.12 19.74 -2.86
C LEU B 83 11.40 20.01 -1.51
N LYS B 84 10.04 20.15 -1.49
CA LYS B 84 9.33 20.39 -0.22
C LYS B 84 8.28 19.33 0.18
N VAL B 85 7.89 18.45 -0.76
CA VAL B 85 6.81 17.48 -0.61
C VAL B 85 7.03 16.51 0.58
N ASP B 86 8.26 16.00 0.81
CA ASP B 86 8.53 15.08 1.92
C ASP B 86 9.70 15.53 2.82
N PRO B 87 9.39 16.13 3.99
CA PRO B 87 10.47 16.60 4.89
C PRO B 87 11.39 15.52 5.47
N SER B 88 10.96 14.26 5.53
CA SER B 88 11.81 13.17 6.03
C SER B 88 12.94 12.86 5.05
N THR B 89 12.75 13.21 3.77
CA THR B 89 13.71 12.99 2.70
C THR B 89 14.68 14.16 2.57
N THR B 90 15.95 13.84 2.25
CA THR B 90 17.06 14.77 1.94
C THR B 90 17.15 14.79 0.41
N ILE B 91 16.85 15.95 -0.17
CA ILE B 91 16.83 16.07 -1.62
C ILE B 91 17.29 17.47 -2.01
N GLY B 92 18.15 17.55 -3.03
CA GLY B 92 18.69 18.81 -3.53
C GLY B 92 19.04 18.75 -5.00
N MET B 93 18.89 19.89 -5.69
CA MET B 93 19.17 20.04 -7.11
C MET B 93 19.93 21.35 -7.30
N ALA B 94 21.28 21.30 -7.22
CA ALA B 94 22.15 22.48 -7.34
C ALA B 94 22.56 22.78 -8.81
N ASN B 95 22.12 23.97 -9.33
CA ASN B 95 22.41 24.38 -10.71
C ASN B 95 23.18 25.69 -10.76
N SER B 96 24.07 25.76 -11.77
CA SER B 96 24.88 26.95 -12.05
C SER B 96 25.44 26.96 -13.48
N ILE B 97 25.73 28.17 -13.96
CA ILE B 97 26.36 28.42 -15.25
C ILE B 97 27.59 29.26 -14.93
N TRP B 98 28.76 28.80 -15.38
CA TRP B 98 30.03 29.48 -15.14
C TRP B 98 30.58 29.89 -16.47
N TYR B 99 30.65 31.19 -16.72
CA TYR B 99 31.10 31.66 -18.01
C TYR B 99 32.39 32.47 -17.93
N LYS B 100 33.00 32.62 -19.10
CA LYS B 100 34.25 33.31 -19.40
C LYS B 100 34.14 34.77 -18.99
N GLN B 101 34.89 35.16 -17.96
CA GLN B 101 34.99 36.53 -17.47
C GLN B 101 35.48 37.40 -18.65
N GLY B 102 34.84 38.55 -18.81
CA GLY B 102 35.11 39.49 -19.90
C GLY B 102 33.85 39.72 -20.69
N GLU B 103 33.16 38.60 -21.00
CA GLU B 103 31.88 38.52 -21.70
C GLU B 103 30.81 39.07 -20.79
N LEU B 104 29.82 39.73 -21.36
CA LEU B 104 28.75 40.27 -20.55
C LEU B 104 27.42 39.60 -20.88
N VAL B 105 26.95 38.76 -19.96
CA VAL B 105 25.68 38.06 -20.16
C VAL B 105 24.51 39.00 -19.87
N LYS B 106 23.43 38.87 -20.66
CA LYS B 106 22.21 39.66 -20.60
C LYS B 106 21.39 39.40 -19.34
N GLU B 107 20.94 40.49 -18.66
CA GLU B 107 20.09 40.43 -17.46
C GLU B 107 18.90 39.50 -17.57
N PRO B 108 18.07 39.55 -18.65
CA PRO B 108 16.93 38.60 -18.72
C PRO B 108 17.33 37.14 -18.56
N PHE B 109 18.50 36.71 -19.11
CA PHE B 109 19.01 35.34 -18.97
C PHE B 109 19.32 35.02 -17.53
N ILE B 110 20.17 35.84 -16.86
CA ILE B 110 20.57 35.73 -15.45
C ILE B 110 19.34 35.63 -14.57
N LEU B 111 18.35 36.51 -14.81
CA LEU B 111 17.11 36.57 -14.08
C LEU B 111 16.30 35.26 -14.20
N ALA B 112 16.05 34.76 -15.43
CA ALA B 112 15.26 33.54 -15.63
C ALA B 112 15.84 32.37 -14.86
N ASN B 113 17.18 32.27 -14.87
CA ASN B 113 17.97 31.25 -14.18
C ASN B 113 17.74 31.31 -12.68
N ARG B 114 17.92 32.52 -12.08
CA ARG B 114 17.73 32.82 -10.66
C ARG B 114 16.28 32.54 -10.22
N THR B 115 15.29 32.93 -11.06
CA THR B 115 13.87 32.81 -10.71
C THR B 115 13.34 31.37 -10.86
N HIS B 116 13.44 30.75 -12.05
CA HIS B 116 12.85 29.43 -12.30
C HIS B 116 13.71 28.21 -11.95
N TYR B 117 15.04 28.36 -11.84
CA TYR B 117 15.93 27.22 -11.58
C TYR B 117 16.85 27.36 -10.37
N ASP B 118 16.67 28.46 -9.57
CA ASP B 118 17.52 28.85 -8.43
C ASP B 118 19.01 28.69 -8.81
N ALA B 119 19.33 29.16 -10.01
CA ALA B 119 20.64 29.03 -10.60
C ALA B 119 21.39 30.32 -10.64
N GLU B 120 22.69 30.23 -10.30
CA GLU B 120 23.63 31.34 -10.31
C GLU B 120 24.41 31.31 -11.63
N VAL B 121 24.46 32.45 -12.33
CA VAL B 121 25.19 32.57 -13.60
C VAL B 121 26.42 33.40 -13.25
N LYS B 122 27.59 32.77 -13.11
CA LYS B 122 28.80 33.44 -12.62
C LYS B 122 29.95 33.54 -13.62
N ALA B 123 30.61 34.72 -13.66
CA ALA B 123 31.74 35.01 -14.53
C ALA B 123 33.04 34.69 -13.82
N VAL B 124 33.81 33.75 -14.37
CA VAL B 124 35.08 33.35 -13.77
C VAL B 124 36.21 33.43 -14.77
N ASP B 125 37.44 33.63 -14.25
CA ASP B 125 38.66 33.59 -15.04
C ASP B 125 39.10 32.10 -14.95
N PHE B 126 38.83 31.30 -16.01
CA PHE B 126 39.15 29.88 -15.99
C PHE B 126 40.65 29.58 -15.81
N SER B 127 41.54 30.60 -15.96
CA SER B 127 42.99 30.44 -15.76
C SER B 127 43.30 30.49 -14.27
N SER B 128 42.60 31.36 -13.50
CA SER B 128 42.88 31.52 -12.09
C SER B 128 42.88 30.23 -11.28
N PRO B 129 43.93 30.04 -10.45
CA PRO B 129 43.98 28.87 -9.55
C PRO B 129 42.86 28.88 -8.50
N ALA B 130 42.10 29.99 -8.41
CA ALA B 130 41.00 30.18 -7.47
C ALA B 130 39.67 29.64 -7.97
N THR B 131 39.50 29.48 -9.31
CA THR B 131 38.26 29.07 -9.99
C THR B 131 37.77 27.68 -9.60
N LEU B 132 38.59 26.64 -9.79
CA LEU B 132 38.27 25.26 -9.42
C LEU B 132 37.86 25.17 -7.92
N PRO B 133 38.63 25.71 -6.92
CA PRO B 133 38.12 25.74 -5.52
C PRO B 133 36.81 26.53 -5.34
N ALA B 134 36.59 27.62 -6.15
CA ALA B 134 35.38 28.45 -6.14
C ALA B 134 34.14 27.67 -6.59
N ILE B 135 34.29 26.90 -7.68
CA ILE B 135 33.21 26.07 -8.21
C ILE B 135 32.93 24.96 -7.19
N ASN B 136 33.98 24.24 -6.74
CA ASN B 136 33.82 23.18 -5.74
C ASN B 136 33.20 23.70 -4.45
N GLY B 137 33.54 24.95 -4.10
CA GLY B 137 33.01 25.63 -2.93
C GLY B 137 31.53 25.89 -3.06
N TRP B 138 31.10 26.35 -4.26
CA TRP B 138 29.70 26.61 -4.61
C TRP B 138 28.93 25.33 -4.43
N CYS B 139 29.51 24.20 -4.88
CA CYS B 139 28.91 22.89 -4.82
C CYS B 139 28.67 22.44 -3.39
N ALA B 140 29.72 22.48 -2.53
CA ALA B 140 29.64 22.09 -1.11
C ALA B 140 28.58 22.90 -0.41
N GLN B 141 28.63 24.25 -0.60
CA GLN B 141 27.67 25.17 -0.02
C GLN B 141 26.23 24.78 -0.37
N LYS B 142 25.90 24.69 -1.66
CA LYS B 142 24.57 24.43 -2.21
C LYS B 142 24.04 23.03 -1.93
N THR B 143 24.93 22.04 -1.73
CA THR B 143 24.49 20.67 -1.42
C THR B 143 24.71 20.31 0.05
N ASN B 144 24.90 21.36 0.91
CA ASN B 144 25.18 21.24 2.35
C ASN B 144 26.18 20.10 2.64
N ASP B 145 27.30 20.11 1.87
CA ASP B 145 28.45 19.22 1.89
C ASP B 145 28.11 17.75 1.49
N LYS B 146 26.99 17.52 0.79
CA LYS B 146 26.68 16.17 0.32
C LYS B 146 27.61 15.85 -0.85
N ILE B 147 27.68 16.78 -1.82
CA ILE B 147 28.57 16.71 -2.98
C ILE B 147 29.58 17.85 -2.73
N THR B 148 30.85 17.49 -2.54
CA THR B 148 31.87 18.49 -2.18
C THR B 148 32.86 18.80 -3.29
N LYS B 149 33.10 17.86 -4.21
CA LYS B 149 34.00 18.08 -5.33
C LYS B 149 33.22 17.77 -6.58
N ILE B 150 33.18 18.68 -7.53
CA ILE B 150 32.47 18.50 -8.80
C ILE B 150 33.42 18.70 -9.99
N LEU B 151 34.57 19.42 -9.76
CA LEU B 151 35.55 19.58 -10.82
C LEU B 151 36.99 19.24 -10.40
N ASP B 152 37.72 18.53 -11.31
CA ASP B 152 39.08 18.03 -11.10
C ASP B 152 40.12 18.79 -11.87
N TYR B 153 39.72 19.38 -13.02
CA TYR B 153 40.56 20.11 -13.96
C TYR B 153 39.71 21.04 -14.85
N ILE B 154 40.31 22.14 -15.28
CA ILE B 154 39.69 23.10 -16.20
C ILE B 154 40.67 23.20 -17.39
N PRO B 155 40.29 22.68 -18.58
CA PRO B 155 41.19 22.78 -19.75
C PRO B 155 41.22 24.18 -20.36
N GLY B 156 42.05 24.35 -21.36
CA GLY B 156 42.16 25.62 -22.08
C GLY B 156 40.95 25.98 -22.91
N ASN B 157 40.81 27.29 -23.18
CA ASN B 157 39.74 27.90 -23.97
C ASN B 157 38.33 27.40 -23.57
N ALA B 158 38.02 27.52 -22.26
CA ALA B 158 36.73 27.17 -21.68
C ALA B 158 35.87 28.42 -21.84
N PHE B 159 34.60 28.25 -22.29
CA PHE B 159 33.64 29.32 -22.56
C PHE B 159 32.57 29.40 -21.52
N MET B 160 31.76 28.32 -21.40
CA MET B 160 30.60 28.24 -20.54
C MET B 160 30.40 26.80 -20.02
N TYR B 161 30.29 26.65 -18.69
CA TYR B 161 30.03 25.38 -18.04
C TYR B 161 28.63 25.40 -17.47
N LEU B 162 27.91 24.31 -17.64
CA LEU B 162 26.60 24.09 -17.05
C LEU B 162 26.85 23.01 -16.01
N ILE B 163 26.77 23.36 -14.72
CA ILE B 163 27.04 22.40 -13.64
C ILE B 163 25.76 22.08 -12.84
N ASN B 164 25.45 20.78 -12.70
CA ASN B 164 24.29 20.26 -11.98
C ASN B 164 24.72 19.19 -10.97
N ALA B 165 24.37 19.42 -9.68
CA ALA B 165 24.71 18.54 -8.56
C ALA B 165 23.43 18.08 -7.88
N VAL B 166 23.10 16.77 -7.96
CA VAL B 166 21.84 16.26 -7.39
C VAL B 166 22.07 15.16 -6.38
N TYR B 167 21.37 15.24 -5.24
CA TYR B 167 21.49 14.22 -4.17
C TYR B 167 20.15 13.79 -3.59
N PHE B 168 20.09 12.53 -3.10
CA PHE B 168 18.91 11.96 -2.48
C PHE B 168 19.25 10.99 -1.36
N LYS B 169 18.54 11.10 -0.25
CA LYS B 169 18.64 10.20 0.89
C LYS B 169 17.29 10.21 1.61
N GLY B 170 16.64 9.07 1.67
CA GLY B 170 15.35 8.95 2.33
C GLY B 170 15.28 7.83 3.36
N ILE B 171 14.24 7.86 4.19
CA ILE B 171 14.03 6.84 5.19
C ILE B 171 12.81 6.03 4.79
N TRP B 172 12.87 4.70 4.93
CA TRP B 172 11.80 3.82 4.49
C TRP B 172 10.55 4.02 5.31
N VAL B 173 9.36 3.67 4.79
CA VAL B 173 8.13 3.75 5.60
C VAL B 173 8.30 2.74 6.75
N THR B 174 8.69 1.49 6.39
CA THR B 174 9.00 0.39 7.29
C THR B 174 10.53 0.18 7.33
N GLN B 175 11.10 0.43 8.51
CA GLN B 175 12.53 0.29 8.75
C GLN B 175 13.05 -1.14 8.70
N PHE B 176 14.37 -1.30 8.55
CA PHE B 176 15.09 -2.55 8.63
C PHE B 176 15.70 -2.57 10.03
N LYS B 177 15.63 -3.72 10.72
CA LYS B 177 16.26 -3.82 12.04
C LYS B 177 17.77 -3.82 11.80
N LYS B 178 18.53 -2.97 12.52
CA LYS B 178 20.01 -2.99 12.38
C LYS B 178 20.55 -4.35 12.84
N SER B 179 19.80 -5.03 13.76
CA SER B 179 20.08 -6.35 14.34
C SER B 179 19.94 -7.47 13.30
N ASP B 180 19.15 -7.23 12.23
CA ASP B 180 18.90 -8.20 11.16
C ASP B 180 19.97 -8.13 10.05
N THR B 181 20.72 -7.03 9.96
CA THR B 181 21.76 -6.86 8.95
C THR B 181 22.91 -7.81 9.24
N LYS B 182 23.25 -8.66 8.26
CA LYS B 182 24.29 -9.67 8.34
C LYS B 182 25.25 -9.53 7.16
N ARG B 183 26.49 -10.04 7.32
CA ARG B 183 27.48 -10.06 6.25
C ARG B 183 27.10 -11.19 5.30
N ALA B 184 26.89 -10.87 4.02
CA ALA B 184 26.47 -11.84 3.02
C ALA B 184 27.16 -11.57 1.67
N PRO B 185 27.22 -12.56 0.76
CA PRO B 185 27.88 -12.30 -0.53
C PRO B 185 27.01 -11.57 -1.55
N PHE B 186 27.67 -10.82 -2.44
CA PHE B 186 27.09 -10.07 -3.55
C PHE B 186 27.94 -10.38 -4.77
N ARG B 187 27.28 -10.77 -5.87
CA ARG B 187 27.95 -11.11 -7.13
C ARG B 187 28.07 -9.85 -8.00
N LYS B 188 29.30 -9.30 -8.11
CA LYS B 188 29.65 -8.10 -8.87
C LYS B 188 29.54 -8.37 -10.37
N ALA B 189 29.38 -7.28 -11.16
CA ALA B 189 29.23 -7.28 -12.61
C ALA B 189 30.40 -7.98 -13.31
N ASP B 190 31.63 -7.78 -12.80
CA ASP B 190 32.87 -8.36 -13.33
C ASP B 190 33.03 -9.88 -13.09
N GLY B 191 32.05 -10.50 -12.46
CA GLY B 191 32.08 -11.93 -12.17
C GLY B 191 32.69 -12.27 -10.82
N THR B 192 33.15 -11.25 -10.08
CA THR B 192 33.71 -11.44 -8.74
C THR B 192 32.56 -11.47 -7.72
N THR B 193 32.81 -12.07 -6.55
CA THR B 193 31.87 -12.13 -5.44
C THR B 193 32.52 -11.42 -4.25
N GLN B 194 31.88 -10.34 -3.77
CA GLN B 194 32.30 -9.54 -2.62
C GLN B 194 31.39 -9.83 -1.43
N GLU B 195 31.81 -9.43 -0.21
CA GLU B 195 31.02 -9.53 1.01
C GLU B 195 30.45 -8.14 1.33
N VAL B 196 29.14 -8.07 1.61
CA VAL B 196 28.45 -6.80 1.88
C VAL B 196 27.60 -6.85 3.15
N ASN B 197 27.11 -5.69 3.61
CA ASN B 197 26.22 -5.62 4.77
C ASN B 197 24.80 -5.76 4.23
N MET B 198 24.29 -7.00 4.30
CA MET B 198 22.99 -7.39 3.79
C MET B 198 21.83 -7.16 4.78
N MET B 199 21.05 -6.09 4.55
CA MET B 199 19.87 -5.74 5.35
C MET B 199 18.77 -6.73 5.08
N ALA B 200 17.84 -6.88 6.04
CA ALA B 200 16.72 -7.82 5.89
C ALA B 200 15.45 -7.43 6.64
N GLN B 201 14.30 -7.67 5.98
CA GLN B 201 12.94 -7.47 6.52
C GLN B 201 11.92 -8.24 5.72
N LYS B 202 10.91 -8.78 6.42
CA LYS B 202 9.78 -9.47 5.80
C LYS B 202 8.60 -8.53 6.01
N SER B 203 8.12 -7.90 4.93
CA SER B 203 7.04 -6.93 5.01
C SER B 203 6.17 -6.93 3.74
N THR B 204 5.17 -6.02 3.69
CA THR B 204 4.32 -5.86 2.52
C THR B 204 4.91 -4.76 1.63
N PHE B 205 5.22 -5.13 0.39
CA PHE B 205 5.75 -4.22 -0.61
C PHE B 205 4.99 -4.41 -1.91
N GLY B 206 5.10 -3.42 -2.78
CA GLY B 206 4.53 -3.47 -4.13
C GLY B 206 5.37 -4.42 -4.93
N TYR B 207 4.73 -5.31 -5.70
CA TYR B 207 5.46 -6.33 -6.45
C TYR B 207 4.74 -6.74 -7.74
N THR B 208 5.55 -6.97 -8.79
CA THR B 208 5.17 -7.42 -10.12
C THR B 208 6.36 -8.15 -10.75
N THR B 209 6.09 -8.95 -11.81
CA THR B 209 7.09 -9.73 -12.53
C THR B 209 7.05 -9.56 -14.03
N ASP B 210 8.13 -10.02 -14.66
CA ASP B 210 8.44 -10.02 -16.07
C ASP B 210 9.00 -11.37 -16.45
N GLU B 211 9.21 -11.55 -17.75
CA GLU B 211 9.85 -12.70 -18.36
C GLU B 211 11.38 -12.59 -18.11
N CYS B 212 11.82 -11.37 -17.73
CA CYS B 212 13.21 -11.02 -17.46
C CYS B 212 13.51 -10.79 -16.02
N CYS B 213 12.57 -10.12 -15.33
CA CYS B 213 12.83 -9.47 -14.07
C CYS B 213 11.75 -9.60 -13.02
N GLN B 214 12.12 -9.19 -11.80
CA GLN B 214 11.31 -9.08 -10.60
C GLN B 214 11.36 -7.59 -10.26
N TYR B 215 10.23 -7.02 -9.86
CA TYR B 215 10.19 -5.61 -9.52
C TYR B 215 9.62 -5.42 -8.15
N LEU B 216 10.28 -4.58 -7.32
CA LEU B 216 9.81 -4.25 -5.96
C LEU B 216 9.69 -2.76 -5.79
N GLU B 217 8.58 -2.30 -5.16
CA GLU B 217 8.38 -0.88 -4.85
C GLU B 217 8.49 -0.66 -3.33
N MET B 218 9.47 0.15 -2.96
CA MET B 218 9.73 0.45 -1.55
C MET B 218 9.51 1.93 -1.26
N ASP B 219 8.43 2.21 -0.55
CA ASP B 219 8.03 3.55 -0.19
C ASP B 219 8.95 4.19 0.81
N TYR B 220 9.22 5.48 0.56
CA TYR B 220 9.94 6.39 1.44
C TYR B 220 9.00 7.29 2.22
N GLY B 221 9.29 7.45 3.49
CA GLY B 221 8.77 8.57 4.27
C GLY B 221 7.27 8.68 4.27
N ASN B 222 6.76 9.81 3.78
CA ASN B 222 5.33 10.04 3.69
C ASN B 222 4.77 9.59 2.34
N LYS B 223 5.30 8.47 1.80
CA LYS B 223 4.89 7.86 0.55
C LYS B 223 4.86 8.83 -0.67
N ALA B 224 5.63 9.95 -0.62
CA ALA B 224 5.71 10.87 -1.76
C ALA B 224 6.65 10.26 -2.78
N PHE B 225 7.77 9.69 -2.28
CA PHE B 225 8.76 9.02 -3.10
C PHE B 225 8.77 7.53 -2.83
N SER B 226 9.31 6.76 -3.77
CA SER B 226 9.49 5.32 -3.66
C SER B 226 10.66 4.84 -4.52
N MET B 227 11.26 3.71 -4.16
CA MET B 227 12.32 3.14 -4.98
C MET B 227 11.80 1.90 -5.66
N ILE B 228 12.04 1.80 -6.97
CA ILE B 228 11.67 0.61 -7.72
C ILE B 228 12.94 -0.18 -8.02
N VAL B 229 13.01 -1.40 -7.46
CA VAL B 229 14.17 -2.27 -7.64
C VAL B 229 13.83 -3.27 -8.74
N MET B 230 14.67 -3.29 -9.76
CA MET B 230 14.52 -4.17 -10.91
C MET B 230 15.61 -5.24 -10.81
N LEU B 231 15.21 -6.45 -10.39
CA LEU B 231 16.10 -7.59 -10.18
C LEU B 231 16.01 -8.60 -11.35
N PRO B 232 17.07 -8.71 -12.18
CA PRO B 232 17.03 -9.67 -13.29
C PRO B 232 16.94 -11.11 -12.80
N ASN B 233 16.25 -11.97 -13.57
CA ASN B 233 16.11 -13.39 -13.25
C ASN B 233 17.46 -14.02 -13.58
N GLU B 234 17.78 -15.17 -12.96
CA GLU B 234 19.07 -15.84 -13.22
C GLU B 234 19.07 -16.26 -14.68
N GLY B 235 19.96 -15.63 -15.44
CA GLY B 235 20.10 -15.78 -16.88
C GLY B 235 20.10 -14.41 -17.55
N GLN B 236 19.29 -13.50 -16.98
CA GLN B 236 19.17 -12.12 -17.45
C GLN B 236 20.17 -11.22 -16.72
N THR B 237 20.56 -10.11 -17.38
CA THR B 237 21.50 -9.10 -16.86
C THR B 237 20.84 -7.71 -16.74
N THR B 238 21.49 -6.77 -16.02
CA THR B 238 20.95 -5.41 -15.90
C THR B 238 20.96 -4.69 -17.25
N ARG B 239 21.89 -5.06 -18.16
CA ARG B 239 21.98 -4.46 -19.49
C ARG B 239 20.72 -4.78 -20.27
N ASP B 240 20.21 -6.04 -20.14
CA ASP B 240 18.96 -6.46 -20.78
C ASP B 240 17.80 -5.62 -20.24
N VAL B 241 17.80 -5.30 -18.92
CA VAL B 241 16.76 -4.49 -18.30
C VAL B 241 16.78 -3.09 -18.91
N ILE B 242 17.94 -2.42 -18.84
CA ILE B 242 18.15 -1.06 -19.37
C ILE B 242 17.75 -0.94 -20.84
N GLU B 243 18.14 -1.92 -21.67
CA GLU B 243 17.86 -1.93 -23.11
C GLU B 243 16.36 -2.05 -23.43
N GLN B 244 15.65 -2.91 -22.69
CA GLN B 244 14.21 -3.13 -22.94
C GLN B 244 13.39 -2.31 -21.97
N LEU B 245 13.70 -1.01 -21.88
CA LEU B 245 13.00 -0.06 -21.02
C LEU B 245 12.51 1.13 -21.84
N ASP B 246 11.22 1.49 -21.65
CA ASP B 246 10.52 2.61 -22.28
C ASP B 246 9.24 2.93 -21.48
N ASN B 247 8.51 3.99 -21.87
CA ASN B 247 7.25 4.42 -21.23
C ASN B 247 6.20 3.30 -21.17
N LYS B 248 5.94 2.60 -22.31
CA LYS B 248 4.96 1.51 -22.36
C LYS B 248 5.38 0.35 -21.47
N HIS B 249 6.69 0.01 -21.45
CA HIS B 249 7.18 -1.04 -20.57
C HIS B 249 7.10 -0.61 -19.10
N TRP B 250 7.35 0.68 -18.81
CA TRP B 250 7.28 1.22 -17.47
C TRP B 250 5.82 1.20 -17.00
N SER B 251 4.87 1.59 -17.89
CA SER B 251 3.44 1.59 -17.61
C SER B 251 2.97 0.19 -17.21
N MET B 252 3.47 -0.81 -17.92
CA MET B 252 3.21 -2.21 -17.70
C MET B 252 3.70 -2.68 -16.31
N ILE B 253 4.80 -2.07 -15.81
CA ILE B 253 5.36 -2.40 -14.48
C ILE B 253 4.47 -1.83 -13.38
N ILE B 254 4.29 -0.50 -13.37
CA ILE B 254 3.48 0.26 -12.41
C ILE B 254 2.06 -0.29 -12.25
N LYS B 255 1.38 -0.60 -13.38
CA LYS B 255 0.02 -1.14 -13.39
C LYS B 255 -0.04 -2.56 -12.80
N GLY B 256 1.10 -3.25 -12.79
CA GLY B 256 1.19 -4.62 -12.28
C GLY B 256 1.51 -4.72 -10.81
N ILE B 257 2.05 -3.63 -10.23
CA ILE B 257 2.43 -3.50 -8.82
C ILE B 257 1.24 -3.77 -7.89
N ARG B 258 1.32 -4.86 -7.13
CA ARG B 258 0.28 -5.24 -6.19
C ARG B 258 0.85 -5.57 -4.80
N PRO B 259 0.15 -5.15 -3.70
CA PRO B 259 0.66 -5.40 -2.33
C PRO B 259 0.98 -6.86 -2.06
N THR B 260 2.25 -7.14 -1.75
CA THR B 260 2.75 -8.51 -1.60
C THR B 260 3.62 -8.66 -0.36
N GLN B 261 3.44 -9.80 0.34
CA GLN B 261 4.25 -10.11 1.51
C GLN B 261 5.58 -10.71 0.96
N VAL B 262 6.71 -9.99 1.17
CA VAL B 262 8.05 -10.30 0.65
C VAL B 262 9.13 -10.41 1.74
N SER B 263 10.01 -11.43 1.60
CA SER B 263 11.21 -11.60 2.41
C SER B 263 12.28 -10.82 1.63
N LEU B 264 12.67 -9.63 2.12
CA LEU B 264 13.65 -8.79 1.44
C LEU B 264 15.05 -8.86 2.04
N ARG B 265 16.04 -8.93 1.16
CA ARG B 265 17.47 -8.88 1.46
C ARG B 265 18.05 -7.81 0.51
N MET B 266 18.54 -6.70 1.06
CA MET B 266 19.06 -5.59 0.26
C MET B 266 20.39 -5.09 0.84
N PRO B 267 21.44 -4.87 0.02
CA PRO B 267 22.70 -4.35 0.59
C PRO B 267 22.60 -2.88 0.97
N ARG B 268 23.47 -2.42 1.88
CA ARG B 268 23.58 -1.01 2.21
C ARG B 268 24.53 -0.50 1.14
N PHE B 269 24.16 0.56 0.44
CA PHE B 269 25.01 1.06 -0.63
C PHE B 269 24.95 2.57 -0.76
N LYS B 270 26.01 3.11 -1.33
CA LYS B 270 26.17 4.53 -1.61
C LYS B 270 26.74 4.55 -3.02
N THR B 271 26.32 5.51 -3.84
CA THR B 271 26.89 5.69 -5.17
C THR B 271 26.97 7.20 -5.48
N GLU B 272 28.15 7.64 -5.95
CA GLU B 272 28.42 9.03 -6.35
C GLU B 272 28.98 8.93 -7.75
N CYS B 273 28.29 9.56 -8.69
CA CYS B 273 28.64 9.48 -10.10
C CYS B 273 28.79 10.84 -10.70
N LYS B 274 29.76 11.00 -11.61
CA LYS B 274 30.05 12.27 -12.27
C LYS B 274 30.08 12.00 -13.78
N TYR B 275 29.39 12.87 -14.54
CA TYR B 275 29.28 12.72 -15.99
C TYR B 275 29.55 14.01 -16.72
N GLY B 276 30.20 13.89 -17.87
CA GLY B 276 30.48 14.99 -18.78
C GLY B 276 29.65 14.72 -20.01
N LEU B 277 28.35 15.00 -19.90
CA LEU B 277 27.32 14.75 -20.91
C LEU B 277 27.53 15.46 -22.28
N GLU B 278 28.46 16.45 -22.37
CA GLU B 278 28.83 17.07 -23.65
C GLU B 278 29.55 16.10 -24.59
N LYS B 279 30.47 15.27 -24.04
CA LYS B 279 31.34 14.34 -24.76
C LYS B 279 30.63 13.46 -25.76
N LYS B 280 29.78 12.50 -25.33
CA LYS B 280 29.14 11.58 -26.28
C LYS B 280 27.68 11.31 -26.02
N ILE B 281 27.25 11.45 -24.76
CA ILE B 281 25.89 11.13 -24.34
C ILE B 281 24.87 12.11 -24.94
N LEU B 282 25.04 13.43 -24.71
CA LEU B 282 24.06 14.38 -25.26
C LEU B 282 24.15 14.48 -26.80
N PRO B 283 25.34 14.49 -27.46
CA PRO B 283 25.33 14.49 -28.94
C PRO B 283 24.56 13.32 -29.56
N GLU B 284 24.73 12.09 -29.00
CA GLU B 284 24.03 10.89 -29.48
C GLU B 284 22.53 11.04 -29.40
N MET B 285 22.05 11.74 -28.38
CA MET B 285 20.64 11.98 -28.14
C MET B 285 20.03 13.01 -29.08
N GLY B 286 20.85 13.79 -29.77
CA GLY B 286 20.35 14.76 -30.73
C GLY B 286 20.91 16.16 -30.67
N MET B 287 21.57 16.54 -29.55
CA MET B 287 22.12 17.89 -29.49
C MET B 287 23.63 17.87 -29.69
N ASN B 288 24.06 18.35 -30.87
CA ASN B 288 25.46 18.40 -31.28
C ASN B 288 25.94 19.85 -31.42
N VAL B 289 25.11 20.74 -32.06
CA VAL B 289 25.40 22.16 -32.30
C VAL B 289 25.67 22.97 -31.01
N PRO B 290 24.90 22.81 -29.89
CA PRO B 290 25.16 23.66 -28.71
C PRO B 290 26.55 23.52 -28.09
N PHE B 291 27.29 22.45 -28.45
CA PHE B 291 28.63 22.20 -27.91
C PHE B 291 29.73 22.64 -28.84
N THR B 292 29.37 23.31 -29.95
CA THR B 292 30.26 23.81 -31.01
C THR B 292 30.28 25.35 -31.14
N GLU B 293 31.37 25.87 -31.76
CA GLU B 293 31.65 27.28 -32.08
C GLU B 293 30.50 27.93 -32.87
N THR B 294 29.78 27.11 -33.64
CA THR B 294 28.64 27.48 -34.49
C THR B 294 27.29 27.63 -33.75
N ALA B 295 27.25 27.36 -32.42
CA ALA B 295 26.02 27.48 -31.61
C ALA B 295 25.53 28.91 -31.53
N ASP B 296 24.21 29.10 -31.57
CA ASP B 296 23.62 30.42 -31.48
C ASP B 296 22.86 30.61 -30.18
N PHE B 297 23.48 31.32 -29.23
CA PHE B 297 22.91 31.63 -27.92
C PHE B 297 22.82 33.18 -27.77
N PRO B 298 21.99 33.89 -28.59
CA PRO B 298 21.94 35.37 -28.46
C PRO B 298 21.34 35.88 -27.16
N GLY B 299 20.53 35.05 -26.51
CA GLY B 299 19.89 35.36 -25.23
C GLY B 299 20.89 35.48 -24.10
N ILE B 300 22.03 34.80 -24.24
CA ILE B 300 23.14 34.81 -23.28
C ILE B 300 23.99 36.08 -23.52
N THR B 301 24.76 36.11 -24.59
CA THR B 301 25.61 37.24 -24.91
C THR B 301 25.54 37.49 -26.39
N ASP B 302 25.89 38.71 -26.81
CA ASP B 302 26.02 39.04 -28.22
C ASP B 302 27.33 38.41 -28.72
N ALA B 303 28.32 38.30 -27.82
CA ALA B 303 29.61 37.68 -28.11
C ALA B 303 29.42 36.19 -28.28
N ALA B 304 30.27 35.55 -29.08
CA ALA B 304 30.21 34.11 -29.32
C ALA B 304 30.35 33.34 -28.02
N ILE B 305 29.49 32.33 -27.82
CA ILE B 305 29.48 31.47 -26.65
C ILE B 305 28.78 30.16 -27.01
N PHE B 306 29.17 29.06 -26.37
CA PHE B 306 28.59 27.73 -26.57
C PHE B 306 28.81 26.92 -25.28
N ILE B 307 28.21 25.72 -25.18
CA ILE B 307 28.40 24.92 -23.98
C ILE B 307 29.73 24.15 -24.07
N SER B 308 30.68 24.53 -23.19
CA SER B 308 31.98 23.89 -23.07
C SER B 308 31.82 22.52 -22.40
N ARG B 309 31.04 22.44 -21.28
CA ARG B 309 30.81 21.19 -20.54
C ARG B 309 29.47 21.17 -19.82
N VAL B 310 28.87 19.99 -19.69
CA VAL B 310 27.62 19.74 -18.96
C VAL B 310 28.02 18.77 -17.86
N ILE B 311 28.31 19.29 -16.67
CA ILE B 311 28.74 18.43 -15.58
C ILE B 311 27.53 17.99 -14.75
N HIS B 312 27.32 16.67 -14.67
CA HIS B 312 26.25 16.07 -13.91
C HIS B 312 26.83 15.19 -12.81
N LYS B 313 26.64 15.60 -11.54
CA LYS B 313 27.15 14.81 -10.44
C LYS B 313 26.01 14.45 -9.52
N THR B 314 25.91 13.15 -9.20
CA THR B 314 24.83 12.55 -8.40
C THR B 314 25.33 11.84 -7.15
N PHE B 315 24.44 11.69 -6.17
CA PHE B 315 24.72 11.04 -4.91
C PHE B 315 23.46 10.40 -4.34
N VAL B 316 23.55 9.14 -3.88
CA VAL B 316 22.49 8.40 -3.21
C VAL B 316 23.09 7.47 -2.16
N GLN B 317 22.31 7.23 -1.09
CA GLN B 317 22.71 6.39 0.01
C GLN B 317 21.50 5.65 0.53
N VAL B 318 21.65 4.31 0.67
CA VAL B 318 20.63 3.39 1.17
C VAL B 318 21.17 2.71 2.41
N ASP B 319 20.40 2.80 3.51
CA ASP B 319 20.65 2.16 4.80
C ASP B 319 19.33 1.62 5.42
N GLU B 320 19.39 1.16 6.69
CA GLU B 320 18.28 0.53 7.42
C GLU B 320 17.19 1.49 7.83
N GLU B 321 17.54 2.75 8.16
CA GLU B 321 16.65 3.78 8.71
C GLU B 321 15.31 3.87 8.02
N GLY B 322 14.26 3.87 8.83
CA GLY B 322 12.87 3.97 8.41
C GLY B 322 12.02 4.61 9.48
N THR B 323 10.91 5.26 9.08
CA THR B 323 9.96 6.01 9.92
C THR B 323 9.53 5.20 11.15
N GLU B 324 8.87 4.05 10.93
CA GLU B 324 8.37 3.20 12.00
C GLU B 324 8.91 1.77 11.92
N ALA B 325 8.67 1.00 12.99
CA ALA B 325 9.00 -0.41 13.07
C ALA B 325 7.83 -1.19 12.46
N ALA B 326 8.12 -2.33 11.82
CA ALA B 326 7.07 -3.18 11.25
C ALA B 326 6.32 -3.81 12.41
N ALA B 327 5.00 -3.59 12.46
CA ALA B 327 4.21 -4.16 13.55
C ALA B 327 4.11 -5.66 13.40
N VAL B 328 3.89 -6.35 14.54
CA VAL B 328 3.71 -7.80 14.56
C VAL B 328 2.40 -8.12 13.85
N THR B 329 2.48 -8.97 12.82
CA THR B 329 1.33 -9.42 12.03
C THR B 329 0.61 -10.60 12.75
N ALA B 330 -0.64 -10.87 12.40
CA ALA B 330 -1.37 -11.99 13.03
C ALA B 330 -0.79 -13.33 12.60
N VAL B 331 -0.17 -13.38 11.41
CA VAL B 331 0.47 -14.56 10.86
C VAL B 331 1.75 -14.87 11.70
N GLU B 332 2.53 -13.82 12.04
CA GLU B 332 3.72 -13.89 12.90
C GLU B 332 3.33 -14.52 14.24
N MET B 333 2.03 -14.38 14.64
CA MET B 333 1.50 -14.84 15.91
C MET B 333 0.82 -16.20 15.88
N VAL B 334 -0.05 -16.46 14.89
CA VAL B 334 -0.88 -17.67 14.79
C VAL B 334 -0.04 -18.96 14.66
N LYS B 335 1.19 -18.87 14.05
CA LYS B 335 2.17 -19.97 13.89
C LYS B 335 1.60 -21.27 13.23
N THR B 336 0.78 -21.12 12.17
CA THR B 336 0.16 -22.26 11.46
C THR B 336 -0.04 -21.94 9.97
N SER B 337 -0.55 -20.73 9.64
CA SER B 337 -0.89 -20.32 8.29
C SER B 337 0.27 -19.74 7.44
N SER B 338 0.00 -19.67 6.12
CA SER B 338 0.79 -19.19 4.98
C SER B 338 -0.18 -19.13 3.75
N PRO B 339 -1.32 -18.35 3.78
CA PRO B 339 -2.25 -18.38 2.63
C PRO B 339 -1.85 -17.46 1.49
N SER B 340 -2.54 -17.65 0.35
CA SER B 340 -2.35 -16.96 -0.94
C SER B 340 -0.99 -17.36 -1.57
N THR B 341 0.11 -16.97 -0.91
CA THR B 341 1.49 -17.30 -1.26
C THR B 341 2.37 -17.17 -0.03
N THR B 342 3.32 -18.11 0.12
CA THR B 342 4.38 -18.07 1.14
C THR B 342 5.22 -16.82 0.74
N PRO B 343 5.67 -15.94 1.68
CA PRO B 343 6.42 -14.74 1.26
C PRO B 343 7.41 -14.95 0.12
N ILE B 344 7.34 -14.06 -0.89
CA ILE B 344 8.21 -14.06 -2.08
C ILE B 344 9.62 -13.66 -1.67
N ASN B 345 10.63 -14.39 -2.15
CA ASN B 345 12.01 -14.06 -1.83
C ASN B 345 12.58 -13.11 -2.86
N PHE B 346 12.86 -11.86 -2.45
CA PHE B 346 13.48 -10.82 -3.28
C PHE B 346 14.86 -10.57 -2.67
N HIS B 347 15.84 -11.35 -3.14
CA HIS B 347 17.22 -11.29 -2.65
C HIS B 347 18.14 -10.51 -3.58
N ILE B 348 18.59 -9.33 -3.15
CA ILE B 348 19.47 -8.49 -3.95
C ILE B 348 20.95 -8.81 -3.62
N ASN B 349 21.50 -9.86 -4.27
CA ASN B 349 22.87 -10.34 -4.07
C ASN B 349 23.60 -10.53 -5.42
N LYS B 350 23.10 -9.84 -6.46
CA LYS B 350 23.55 -9.78 -7.85
C LYS B 350 23.26 -8.32 -8.34
N PRO B 351 23.78 -7.84 -9.49
CA PRO B 351 23.49 -6.46 -9.91
C PRO B 351 22.02 -6.18 -10.22
N PHE B 352 21.61 -4.93 -9.96
CA PHE B 352 20.22 -4.51 -10.12
C PHE B 352 20.09 -3.13 -10.71
N VAL B 353 18.92 -2.85 -11.33
CA VAL B 353 18.57 -1.53 -11.85
C VAL B 353 17.59 -0.98 -10.80
N PHE B 354 17.67 0.31 -10.50
CA PHE B 354 16.77 0.94 -9.55
C PHE B 354 16.39 2.36 -10.00
N ALA B 355 15.24 2.84 -9.55
CA ALA B 355 14.73 4.18 -9.88
C ALA B 355 14.05 4.78 -8.68
N ILE B 356 14.20 6.10 -8.51
CA ILE B 356 13.51 6.82 -7.45
C ILE B 356 12.49 7.71 -8.14
N ARG B 357 11.20 7.41 -7.89
CA ARG B 357 10.09 8.10 -8.51
C ARG B 357 9.22 8.84 -7.51
N GLU B 358 8.41 9.81 -8.01
CA GLU B 358 7.44 10.51 -7.18
C GLU B 358 6.10 9.87 -7.58
N LYS B 359 5.39 9.33 -6.59
CA LYS B 359 4.17 8.56 -6.78
C LYS B 359 2.93 9.34 -7.30
N SER B 360 2.74 10.62 -6.93
CA SER B 360 1.51 11.32 -7.36
C SER B 360 1.51 11.74 -8.84
N THR B 361 2.68 12.00 -9.40
CA THR B 361 2.85 12.42 -10.78
C THR B 361 3.45 11.31 -11.63
N GLY B 362 4.22 10.42 -11.00
CA GLY B 362 4.90 9.32 -11.68
C GLY B 362 6.24 9.70 -12.27
N VAL B 363 6.73 10.94 -11.99
CA VAL B 363 8.03 11.43 -12.48
C VAL B 363 9.16 10.58 -11.90
N ILE B 364 10.14 10.23 -12.73
CA ILE B 364 11.33 9.51 -12.32
C ILE B 364 12.38 10.60 -12.03
N LEU B 365 12.73 10.76 -10.77
CA LEU B 365 13.70 11.75 -10.34
C LEU B 365 15.11 11.22 -10.62
N PHE B 366 15.36 9.95 -10.25
CA PHE B 366 16.65 9.28 -10.43
C PHE B 366 16.46 7.88 -11.00
N ILE B 367 17.45 7.42 -11.77
CA ILE B 367 17.48 6.07 -12.35
C ILE B 367 18.94 5.62 -12.41
N GLY B 368 19.19 4.34 -12.13
CA GLY B 368 20.55 3.81 -12.13
C GLY B 368 20.71 2.32 -11.98
N GLU B 369 21.97 1.88 -11.91
CA GLU B 369 22.37 0.46 -11.82
C GLU B 369 23.50 0.29 -10.79
N ILE B 370 23.42 -0.76 -9.96
CA ILE B 370 24.46 -1.07 -9.00
C ILE B 370 25.07 -2.41 -9.40
N GLY B 371 26.30 -2.36 -9.90
CA GLY B 371 27.06 -3.52 -10.33
C GLY B 371 28.13 -3.88 -9.34
N GLU B 372 28.37 -3.00 -8.34
CA GLU B 372 29.37 -3.13 -7.28
C GLU B 372 28.93 -2.37 -6.03
N VAL B 373 28.78 -3.09 -4.91
CA VAL B 373 28.33 -2.50 -3.64
C VAL B 373 29.49 -1.82 -2.89
N LYS B 374 29.28 -0.53 -2.62
CA LYS B 374 30.22 0.33 -1.91
C LYS B 374 29.41 1.08 -0.87
N GLU B 375 29.95 1.32 0.33
CA GLU B 375 29.22 2.12 1.33
C GLU B 375 30.14 3.15 2.03
#